data_3DRS
#
_entry.id   3DRS
#
_cell.length_a   118.550
_cell.length_b   154.630
_cell.length_c   154.120
_cell.angle_alpha   90.00
_cell.angle_beta   90.00
_cell.angle_gamma   90.00
#
_symmetry.space_group_name_H-M   'C 2 2 21'
#
loop_
_entity.id
_entity.type
_entity.pdbx_description
1 polymer 'Reverse transcriptase/ribonuclease H'
2 polymer 'p66 RT'
3 non-polymer 3-chloro-5-[2-chloro-5-(1H-pyrazolo[3,4-b]pyridin-3-ylmethoxy)phenoxy]benzonitrile
#
loop_
_entity_poly.entity_id
_entity_poly.type
_entity_poly.pdbx_seq_one_letter_code
_entity_poly.pdbx_strand_id
1 'polypeptide(L)'
;MNSPISPIETVPVKLKPGMDGPKVKQWPLTEEKIKALVEICTEMEKEGKISKIGPENPYNTPVFAIKKKDSTKWRKLVDF
RELNKRTQDFWEVQLGIPHPAGLKKNKSVTVLDVGDAYFSVPLDEDFRKYTAFTIPSINNETPGIRYQYNVLPQGWKGSP
AIFQSSMTKILEPFRKQNPDIVIYQYMDDLYVGSDLEIGQHRTKIEELRQHLLRWGLTTPDKKHQKEPPFLWMGYELHPD
KWTVQPIVLPEKDSWTVNDIQKLVGKLNWASQIYPGIKVRQLCKLLRGTKALTEVIPLTEEAELELAENREILKEPVHGV
YYDPSKDLIAEIQKQGQGQWTYQIYQEPFKNLKTGKYARMRGAHTNDVKQLTEAVQKITTESIVIWGKTPKFKLPIQKET
WETWWTEYWQATWIPEWEFVNTPPLVKLWYQLEKEPIVGAETFYVDGAANRETKLGKAGYVTNRGRQKVVTLTDTTNQKT
ELQAIYLALQDSGLEVNIVTDSQYALGIIQAQPDQSESELVNQIIEQLIKKEKVYLAWVPAHKGIGGNEQVDKLVSAGIR
KVL
;
A
2 'polypeptide(L)'
;MNSPISPIETVPVKLKPGMDGPKVKQWPLTEEKIKALVEICTEMEKEGKISKIGPENPYNTPVFAIKKKDSTKWRKLVDF
RELNKRTQDFWEVQLGIPHPAGLKKNKSVTVLDVGDAYFSVPLDEDFRKYTAFTIPSINNETPGIRYQYNVLPQGWKGSP
AIFQSSMTKILEPFRKQNPDIVIYQYMDDLYVGSDLEIGQHRTKIEELRQHLLRWGLTTPDKKHQKEPPFLWMGYELHPD
KWTVQPIVLPEKDSWTVNDIQKLVGKLNWASQIYPGIKVRQLCKLLRGTKALTEVIPLTEEAELELAENREILKEPVHGV
YYDPSKDLIAEIQKQGQGQWTYQIYQEPFKNLKTGKYARMRGAHTNDVKQLTEAVQKITTESIVIWGKTPKFKLPIQKET
WETWWTEYWQATWIPEWEFVNTPPLVKLWYQLEKEPIVGAETF
;
B
#
loop_
_chem_comp.id
_chem_comp.type
_chem_comp.name
_chem_comp.formula
R8D non-polymer 3-chloro-5-[2-chloro-5-(1H-pyrazolo[3,4-b]pyridin-3-ylmethoxy)phenoxy]benzonitrile 'C20 H12 Cl2 N4 O2'
#
# COMPACT_ATOMS: atom_id res chain seq x y z
N SER A 3 -12.32 -0.97 44.00
CA SER A 3 -11.25 -0.12 43.48
C SER A 3 -11.69 1.26 42.96
N PRO A 4 -10.80 2.28 43.06
CA PRO A 4 -10.96 3.70 42.69
C PRO A 4 -11.58 3.89 41.30
N ILE A 5 -12.25 5.01 41.11
CA ILE A 5 -12.93 5.25 39.84
C ILE A 5 -12.47 6.44 38.99
N SER A 6 -11.17 6.77 39.04
CA SER A 6 -10.65 7.82 38.18
C SER A 6 -11.32 9.24 38.19
N PRO A 7 -10.60 10.23 38.76
CA PRO A 7 -11.01 11.65 38.78
C PRO A 7 -10.89 12.31 37.39
N ILE A 8 -10.72 11.49 36.35
CA ILE A 8 -10.42 11.94 34.99
C ILE A 8 -11.56 12.21 34.03
N GLU A 9 -11.32 13.15 33.12
CA GLU A 9 -12.26 13.56 32.10
C GLU A 9 -12.88 12.36 31.42
N THR A 10 -14.05 12.55 30.82
CA THR A 10 -14.83 11.49 30.17
C THR A 10 -14.78 11.59 28.62
N VAL A 11 -14.88 10.45 27.89
CA VAL A 11 -14.89 10.51 26.41
C VAL A 11 -16.34 10.49 25.96
N PRO A 12 -16.75 11.42 25.08
CA PRO A 12 -18.12 11.52 24.59
C PRO A 12 -18.58 10.46 23.59
N VAL A 13 -19.14 9.40 24.16
CA VAL A 13 -19.69 8.32 23.38
C VAL A 13 -21.05 8.74 22.76
N LYS A 14 -21.35 8.19 21.59
CA LYS A 14 -22.55 8.56 20.84
C LYS A 14 -23.01 7.35 20.00
N LEU A 15 -24.33 7.17 19.87
CA LEU A 15 -24.79 6.02 19.10
C LEU A 15 -24.65 6.32 17.60
N LYS A 16 -24.73 5.29 16.77
CA LYS A 16 -24.70 5.48 15.34
C LYS A 16 -26.01 6.17 14.99
N PRO A 17 -25.96 7.05 13.98
CA PRO A 17 -26.95 7.97 13.42
C PRO A 17 -28.27 7.36 13.00
N GLY A 18 -29.35 7.89 13.57
CA GLY A 18 -30.67 7.38 13.25
C GLY A 18 -30.83 6.04 13.92
N MET A 19 -30.33 5.97 15.15
CA MET A 19 -30.41 4.75 15.92
C MET A 19 -30.67 5.16 17.33
N ASP A 20 -31.43 4.34 18.05
CA ASP A 20 -31.71 4.60 19.45
C ASP A 20 -31.13 3.42 20.26
N GLY A 21 -30.97 3.61 21.57
CA GLY A 21 -30.46 2.59 22.48
C GLY A 21 -31.15 1.24 22.38
N PRO A 22 -30.52 0.21 22.95
CA PRO A 22 -31.19 -1.08 22.77
C PRO A 22 -32.39 -1.24 23.72
N LYS A 23 -33.27 -2.17 23.36
CA LYS A 23 -34.47 -2.44 24.14
C LYS A 23 -34.74 -3.93 24.08
N VAL A 24 -33.79 -4.71 24.61
CA VAL A 24 -33.95 -6.15 24.59
C VAL A 24 -34.59 -6.75 25.82
N LYS A 25 -35.71 -7.43 25.59
CA LYS A 25 -36.44 -8.07 26.65
C LYS A 25 -35.54 -9.02 27.43
N GLN A 26 -35.63 -8.96 28.77
CA GLN A 26 -34.83 -9.82 29.64
C GLN A 26 -35.44 -11.21 29.78
N TRP A 27 -34.67 -12.24 29.42
CA TRP A 27 -35.20 -13.59 29.48
C TRP A 27 -35.27 -14.11 30.91
N PRO A 28 -36.46 -14.61 31.29
CA PRO A 28 -36.80 -15.18 32.60
C PRO A 28 -35.66 -16.00 33.17
N LEU A 29 -35.13 -15.59 34.33
CA LEU A 29 -34.01 -16.34 34.95
C LEU A 29 -34.45 -17.28 36.09
N THR A 30 -33.59 -18.26 36.42
CA THR A 30 -33.85 -19.20 37.50
C THR A 30 -33.78 -18.48 38.85
N GLU A 31 -34.03 -19.18 39.95
CA GLU A 31 -33.98 -18.52 41.24
C GLU A 31 -32.52 -18.24 41.65
N GLU A 32 -31.65 -19.23 41.44
CA GLU A 32 -30.24 -19.09 41.75
C GLU A 32 -29.63 -17.98 40.92
N LYS A 33 -29.85 -18.05 39.61
CA LYS A 33 -29.30 -17.05 38.69
C LYS A 33 -29.66 -15.65 39.17
N ILE A 34 -30.94 -15.43 39.47
CA ILE A 34 -31.37 -14.13 39.92
C ILE A 34 -30.69 -13.78 41.25
N LYS A 35 -30.79 -14.68 42.22
CA LYS A 35 -30.19 -14.44 43.53
C LYS A 35 -28.74 -13.95 43.43
N ALA A 36 -27.95 -14.70 42.67
CA ALA A 36 -26.54 -14.41 42.47
C ALA A 36 -26.41 -13.01 41.94
N LEU A 37 -26.94 -12.81 40.75
CA LEU A 37 -26.90 -11.53 40.09
C LEU A 37 -27.19 -10.42 41.11
N VAL A 38 -28.10 -10.68 42.03
CA VAL A 38 -28.42 -9.69 43.06
C VAL A 38 -27.27 -9.41 44.01
N GLU A 39 -26.53 -10.47 44.36
CA GLU A 39 -25.32 -10.40 45.23
C GLU A 39 -24.34 -9.46 44.52
N ILE A 40 -23.96 -9.92 43.34
CA ILE A 40 -23.03 -9.23 42.50
C ILE A 40 -23.37 -7.77 42.26
N CYS A 41 -24.60 -7.54 41.85
CA CYS A 41 -24.95 -6.20 41.54
C CYS A 41 -24.77 -5.20 42.65
N THR A 42 -25.37 -5.47 43.80
CA THR A 42 -25.25 -4.60 44.98
C THR A 42 -23.80 -4.17 45.22
N GLU A 43 -22.88 -5.14 45.31
CA GLU A 43 -21.46 -4.84 45.44
C GLU A 43 -21.02 -3.83 44.40
N MET A 44 -21.15 -4.23 43.14
CA MET A 44 -20.84 -3.36 42.04
C MET A 44 -21.36 -1.97 42.33
N GLU A 45 -22.64 -1.86 42.66
CA GLU A 45 -23.18 -0.54 42.97
C GLU A 45 -22.59 0.04 44.26
N LYS A 46 -22.27 -0.81 45.22
CA LYS A 46 -21.63 -0.38 46.46
C LYS A 46 -20.34 0.34 46.08
N GLU A 47 -19.65 -0.20 45.06
CA GLU A 47 -18.43 0.40 44.51
C GLU A 47 -18.73 1.56 43.61
N GLY A 48 -19.98 1.69 43.17
CA GLY A 48 -20.30 2.83 42.32
C GLY A 48 -20.02 2.52 40.86
N LYS A 49 -19.62 1.27 40.61
CA LYS A 49 -19.43 0.76 39.26
C LYS A 49 -20.85 0.77 38.63
N ILE A 50 -21.88 0.60 39.44
CA ILE A 50 -23.24 0.72 38.93
C ILE A 50 -24.19 1.58 39.75
N SER A 51 -25.34 1.89 39.15
CA SER A 51 -26.37 2.69 39.79
C SER A 51 -27.81 2.27 39.51
N LYS A 52 -28.60 2.26 40.59
CA LYS A 52 -30.01 1.87 40.53
C LYS A 52 -30.79 2.88 39.69
N ILE A 53 -31.66 2.39 38.80
CA ILE A 53 -32.47 3.29 37.98
C ILE A 53 -33.95 2.97 38.09
N GLY A 54 -34.79 3.88 37.58
CA GLY A 54 -36.25 3.70 37.55
C GLY A 54 -36.74 2.84 36.38
N PRO A 55 -38.06 2.88 36.11
CA PRO A 55 -38.66 2.11 35.00
C PRO A 55 -38.98 2.99 33.78
N GLU A 56 -38.76 4.30 33.98
CA GLU A 56 -38.90 5.35 32.96
C GLU A 56 -37.88 5.16 31.81
N ASN A 57 -36.67 4.74 32.17
CA ASN A 57 -35.61 4.48 31.21
C ASN A 57 -35.99 3.28 30.33
N PRO A 58 -36.39 3.54 29.09
CA PRO A 58 -36.86 2.66 28.00
C PRO A 58 -35.94 1.51 27.65
N TYR A 59 -34.64 1.74 27.81
CA TYR A 59 -33.62 0.79 27.39
C TYR A 59 -33.41 -0.41 28.25
N ASN A 60 -32.82 -1.41 27.62
CA ASN A 60 -32.47 -2.65 28.28
C ASN A 60 -31.47 -3.46 27.49
N THR A 61 -30.57 -4.11 28.23
CA THR A 61 -29.67 -5.09 27.69
C THR A 61 -29.87 -6.31 28.61
N PRO A 62 -29.86 -7.50 28.02
CA PRO A 62 -30.07 -8.70 28.82
C PRO A 62 -28.86 -9.06 29.69
N VAL A 63 -29.13 -9.77 30.78
CA VAL A 63 -28.09 -10.20 31.69
C VAL A 63 -28.11 -11.70 31.84
N PHE A 64 -27.00 -12.25 32.28
CA PHE A 64 -26.99 -13.65 32.54
C PHE A 64 -25.94 -13.93 33.57
N ALA A 65 -25.99 -15.11 34.15
CA ALA A 65 -25.01 -15.49 35.15
C ALA A 65 -24.62 -16.96 35.02
N ILE A 66 -23.34 -17.19 34.79
CA ILE A 66 -22.88 -18.55 34.67
C ILE A 66 -21.97 -18.82 35.83
N LYS A 67 -21.98 -20.08 36.22
CA LYS A 67 -21.16 -20.57 37.31
C LYS A 67 -19.71 -20.56 36.85
N LYS A 68 -18.98 -21.56 37.31
CA LYS A 68 -17.58 -21.67 37.00
C LYS A 68 -17.16 -23.14 37.10
N LYS A 69 -16.43 -23.62 36.10
CA LYS A 69 -15.95 -24.99 36.13
C LYS A 69 -15.13 -25.18 37.42
N ASP A 70 -15.34 -26.32 38.07
CA ASP A 70 -14.67 -26.64 39.33
C ASP A 70 -15.39 -25.83 40.42
N SER A 71 -15.24 -24.50 40.31
CA SER A 71 -15.75 -23.50 41.26
C SER A 71 -17.25 -23.29 41.47
N THR A 72 -17.55 -22.69 42.63
CA THR A 72 -18.90 -22.35 43.04
C THR A 72 -19.00 -20.81 43.11
N LYS A 73 -18.47 -20.18 42.07
CA LYS A 73 -18.48 -18.72 41.94
C LYS A 73 -19.25 -18.34 40.68
N TRP A 74 -20.25 -17.48 40.86
CA TRP A 74 -21.10 -16.98 39.79
C TRP A 74 -20.52 -15.73 39.14
N ARG A 75 -20.77 -15.56 37.86
CA ARG A 75 -20.28 -14.41 37.15
C ARG A 75 -21.35 -13.80 36.24
N LYS A 76 -21.52 -12.49 36.34
CA LYS A 76 -22.53 -11.84 35.58
C LYS A 76 -22.08 -11.54 34.16
N LEU A 77 -22.85 -12.03 33.19
CA LEU A 77 -22.60 -11.77 31.78
C LEU A 77 -23.63 -10.76 31.34
N VAL A 78 -23.19 -9.77 30.55
CA VAL A 78 -24.10 -8.76 30.05
C VAL A 78 -23.97 -8.74 28.52
N ASP A 79 -24.94 -9.33 27.85
CA ASP A 79 -24.94 -9.42 26.39
C ASP A 79 -25.11 -8.03 25.81
N PHE A 80 -23.98 -7.46 25.41
CA PHE A 80 -23.89 -6.10 24.88
C PHE A 80 -24.05 -5.94 23.37
N ARG A 81 -24.34 -7.03 22.66
CA ARG A 81 -24.52 -6.97 21.20
C ARG A 81 -25.28 -5.77 20.66
N GLU A 82 -26.60 -5.77 20.78
CA GLU A 82 -27.40 -4.63 20.31
C GLU A 82 -26.84 -3.29 20.67
N LEU A 83 -26.23 -3.18 21.83
CA LEU A 83 -25.70 -1.86 22.14
C LEU A 83 -24.58 -1.66 21.11
N ASN A 84 -23.64 -2.61 21.07
CA ASN A 84 -22.56 -2.49 20.10
C ASN A 84 -23.02 -2.24 18.65
N LYS A 85 -23.98 -3.03 18.20
CA LYS A 85 -24.54 -2.87 16.88
C LYS A 85 -25.00 -1.40 16.71
N ARG A 86 -25.19 -0.70 17.83
CA ARG A 86 -25.71 0.68 17.80
C ARG A 86 -24.74 1.79 18.20
N THR A 87 -23.59 1.40 18.73
CA THR A 87 -22.59 2.37 19.17
C THR A 87 -21.78 2.99 18.01
N GLN A 88 -21.22 4.15 18.25
CA GLN A 88 -20.36 4.70 17.22
C GLN A 88 -19.17 3.73 17.07
N ASP A 89 -18.42 3.87 15.99
CA ASP A 89 -17.24 3.06 15.78
C ASP A 89 -16.16 3.94 16.39
N PHE A 90 -15.09 3.39 16.96
CA PHE A 90 -14.08 4.26 17.56
C PHE A 90 -12.75 4.24 16.82
N TRP A 91 -11.73 4.86 17.39
CA TRP A 91 -10.45 4.80 16.75
C TRP A 91 -9.93 3.42 17.03
N GLU A 92 -9.23 2.82 16.08
CA GLU A 92 -8.59 1.52 16.29
C GLU A 92 -7.56 1.58 17.41
N VAL A 93 -7.74 0.74 18.43
CA VAL A 93 -6.89 0.72 19.63
C VAL A 93 -5.39 0.81 19.29
N GLN A 94 -4.71 -0.33 19.32
CA GLN A 94 -3.29 -0.37 18.94
C GLN A 94 -3.22 -1.01 17.56
N LEU A 95 -2.49 -0.35 16.65
CA LEU A 95 -2.42 -0.72 15.25
C LEU A 95 -1.30 -1.62 14.79
N GLY A 96 -0.81 -2.43 15.72
CA GLY A 96 0.22 -3.41 15.47
C GLY A 96 0.80 -3.61 16.83
N ILE A 97 1.66 -4.60 17.02
CA ILE A 97 2.23 -4.76 18.34
C ILE A 97 3.74 -4.85 18.29
N PRO A 98 4.44 -4.01 19.07
CA PRO A 98 5.89 -4.06 19.08
C PRO A 98 6.52 -5.47 18.90
N HIS A 99 7.62 -5.50 18.13
CA HIS A 99 8.38 -6.71 17.90
C HIS A 99 9.54 -6.71 18.87
N PRO A 100 9.72 -7.81 19.59
CA PRO A 100 10.81 -7.93 20.54
C PRO A 100 12.11 -7.40 19.92
N ALA A 101 12.31 -7.77 18.66
CA ALA A 101 13.46 -7.35 17.86
C ALA A 101 13.61 -5.83 17.81
N GLY A 102 12.52 -5.12 17.97
CA GLY A 102 12.54 -3.67 17.87
C GLY A 102 12.82 -2.99 19.19
N LEU A 103 12.82 -3.76 20.28
CA LEU A 103 13.05 -3.17 21.61
C LEU A 103 14.50 -2.83 21.91
N LYS A 104 14.74 -1.56 22.28
CA LYS A 104 16.07 -1.13 22.70
C LYS A 104 16.27 -1.66 24.11
N LYS A 105 17.35 -2.40 24.32
CA LYS A 105 17.64 -3.01 25.62
C LYS A 105 17.77 -2.03 26.80
N ASN A 106 17.20 -2.42 27.95
CA ASN A 106 17.30 -1.60 29.16
C ASN A 106 17.87 -2.38 30.35
N LYS A 107 18.27 -1.62 31.37
CA LYS A 107 18.85 -2.20 32.58
C LYS A 107 17.78 -3.01 33.28
N SER A 108 16.73 -2.30 33.67
CA SER A 108 15.61 -2.88 34.38
C SER A 108 14.26 -2.63 33.68
N VAL A 109 13.45 -3.68 33.55
CA VAL A 109 12.10 -3.57 32.99
C VAL A 109 11.09 -4.20 33.96
N THR A 110 10.08 -3.42 34.34
CA THR A 110 9.08 -3.94 35.27
C THR A 110 7.67 -4.00 34.66
N VAL A 111 6.93 -5.05 35.02
CA VAL A 111 5.56 -5.20 34.52
C VAL A 111 4.53 -4.80 35.57
N LEU A 112 3.61 -3.93 35.15
CA LEU A 112 2.55 -3.46 36.03
C LEU A 112 1.21 -3.64 35.35
N ASP A 113 0.34 -4.45 35.93
CA ASP A 113 -0.99 -4.65 35.34
C ASP A 113 -2.05 -3.95 36.15
N VAL A 114 -2.78 -3.07 35.46
CA VAL A 114 -3.87 -2.35 36.08
C VAL A 114 -4.93 -3.34 36.63
N GLY A 115 -5.48 -3.02 37.80
CA GLY A 115 -6.51 -3.83 38.41
C GLY A 115 -7.86 -3.26 38.04
N ASP A 116 -8.73 -4.13 37.56
CA ASP A 116 -10.09 -3.78 37.11
C ASP A 116 -9.98 -2.54 36.24
N ALA A 117 -9.29 -2.68 35.13
CA ALA A 117 -9.09 -1.55 34.28
C ALA A 117 -10.36 -0.77 33.93
N TYR A 118 -11.30 -1.44 33.24
CA TYR A 118 -12.53 -0.83 32.73
C TYR A 118 -13.37 -0.26 33.82
N PHE A 119 -13.39 -1.00 34.94
CA PHE A 119 -14.19 -0.62 36.06
C PHE A 119 -13.65 0.58 36.77
N SER A 120 -12.33 0.71 36.73
CA SER A 120 -11.65 1.89 37.27
C SER A 120 -11.76 3.15 36.39
N VAL A 121 -12.68 3.19 35.42
CA VAL A 121 -12.86 4.40 34.57
C VAL A 121 -14.30 4.77 34.09
N PRO A 122 -14.68 6.04 34.30
CA PRO A 122 -15.91 6.80 34.04
C PRO A 122 -16.55 6.50 32.71
N LEU A 123 -17.85 6.39 32.71
CA LEU A 123 -18.55 6.24 31.45
C LEU A 123 -19.33 7.54 31.22
N ASP A 124 -19.18 8.15 30.05
CA ASP A 124 -19.86 9.41 29.68
C ASP A 124 -21.27 9.39 30.24
N GLU A 125 -21.53 10.25 31.24
CA GLU A 125 -22.83 10.32 31.91
C GLU A 125 -23.96 10.27 30.90
N ASP A 126 -23.85 11.09 29.88
CA ASP A 126 -24.92 11.11 28.93
C ASP A 126 -25.25 9.80 28.24
N PHE A 127 -24.34 8.85 28.36
CA PHE A 127 -24.47 7.57 27.68
C PHE A 127 -24.92 6.39 28.58
N ARG A 128 -24.55 6.41 29.88
CA ARG A 128 -24.90 5.34 30.85
C ARG A 128 -26.35 4.89 30.64
N LYS A 129 -27.20 5.87 30.34
CA LYS A 129 -28.61 5.63 30.06
C LYS A 129 -28.84 4.39 29.21
N TYR A 130 -27.88 4.02 28.35
CA TYR A 130 -28.06 2.89 27.45
C TYR A 130 -27.59 1.54 27.98
N THR A 131 -26.64 1.63 28.91
CA THR A 131 -26.03 0.49 29.55
C THR A 131 -26.99 -0.12 30.52
N ALA A 132 -28.24 0.33 30.44
CA ALA A 132 -29.32 -0.16 31.27
C ALA A 132 -29.50 -1.70 31.15
N PHE A 133 -29.61 -2.35 32.31
CA PHE A 133 -29.90 -3.78 32.39
C PHE A 133 -30.89 -4.10 33.49
N THR A 134 -31.50 -5.29 33.43
CA THR A 134 -32.55 -5.61 34.37
C THR A 134 -32.47 -7.00 35.01
N ILE A 135 -32.35 -7.09 36.34
CA ILE A 135 -32.38 -8.40 37.00
C ILE A 135 -33.86 -8.83 37.12
N PRO A 136 -34.25 -9.87 36.34
CA PRO A 136 -35.65 -10.21 36.44
C PRO A 136 -35.99 -10.63 37.88
N SER A 137 -37.30 -10.64 38.19
CA SER A 137 -37.81 -11.07 39.49
C SER A 137 -38.10 -12.56 39.42
N ILE A 138 -38.59 -13.12 40.53
CA ILE A 138 -38.91 -14.54 40.56
C ILE A 138 -40.12 -14.82 39.67
N ASN A 139 -39.82 -15.08 38.40
CA ASN A 139 -40.81 -15.30 37.36
C ASN A 139 -41.26 -14.00 36.72
N ASN A 140 -42.39 -14.07 36.02
CA ASN A 140 -42.90 -12.90 35.33
C ASN A 140 -42.98 -11.79 36.39
N GLU A 141 -44.01 -11.92 37.23
CA GLU A 141 -44.34 -11.03 38.37
C GLU A 141 -43.20 -10.16 38.85
N THR A 142 -43.52 -9.02 39.47
CA THR A 142 -42.48 -8.14 40.00
C THR A 142 -41.68 -7.45 38.89
N PRO A 143 -41.49 -6.14 39.04
CA PRO A 143 -40.69 -5.43 38.05
C PRO A 143 -39.22 -5.68 38.37
N GLY A 144 -38.42 -6.09 37.38
CA GLY A 144 -37.02 -6.36 37.67
C GLY A 144 -36.32 -5.18 38.36
N ILE A 145 -35.08 -5.41 38.79
CA ILE A 145 -34.31 -4.34 39.41
C ILE A 145 -33.49 -3.68 38.32
N ARG A 146 -33.36 -2.37 38.38
CA ARG A 146 -32.68 -1.71 37.31
C ARG A 146 -31.41 -0.99 37.62
N TYR A 147 -30.46 -1.28 36.76
CA TYR A 147 -29.13 -0.75 36.89
C TYR A 147 -28.61 -0.16 35.58
N GLN A 148 -27.54 0.58 35.69
CA GLN A 148 -26.90 1.19 34.54
C GLN A 148 -25.47 1.43 35.01
N TYR A 149 -24.55 1.49 34.05
CA TYR A 149 -23.13 1.65 34.37
C TYR A 149 -22.64 3.08 34.63
N ASN A 150 -21.56 3.18 35.41
CA ASN A 150 -20.97 4.49 35.69
C ASN A 150 -19.55 4.41 35.17
N VAL A 151 -19.15 3.18 34.90
CA VAL A 151 -17.82 2.90 34.39
C VAL A 151 -17.96 2.16 33.05
N LEU A 152 -16.83 1.67 32.54
CA LEU A 152 -16.79 0.99 31.27
C LEU A 152 -17.18 -0.44 31.45
N PRO A 153 -18.34 -0.82 30.87
CA PRO A 153 -18.73 -2.23 30.99
C PRO A 153 -17.73 -3.12 30.22
N GLN A 154 -17.79 -4.44 30.42
CA GLN A 154 -16.91 -5.28 29.64
C GLN A 154 -17.83 -5.83 28.57
N GLY A 155 -17.37 -5.83 27.32
CA GLY A 155 -18.19 -6.33 26.22
C GLY A 155 -18.73 -5.18 25.40
N TRP A 156 -18.50 -3.99 25.91
CA TRP A 156 -18.96 -2.87 25.17
C TRP A 156 -17.87 -2.35 24.21
N LYS A 157 -18.32 -1.89 23.04
CA LYS A 157 -17.49 -1.39 21.94
C LYS A 157 -16.35 -0.43 22.26
N GLY A 158 -16.61 0.64 23.01
CA GLY A 158 -15.56 1.59 23.26
C GLY A 158 -14.72 1.37 24.51
N SER A 159 -14.96 0.28 25.24
CA SER A 159 -14.17 0.12 26.46
C SER A 159 -12.66 0.16 26.29
N PRO A 160 -12.11 -0.79 25.52
CA PRO A 160 -10.69 -0.93 25.18
C PRO A 160 -10.07 0.35 24.64
N ALA A 161 -10.82 1.02 23.77
CA ALA A 161 -10.38 2.28 23.16
C ALA A 161 -10.31 3.41 24.20
N ILE A 162 -11.48 3.76 24.75
CA ILE A 162 -11.57 4.77 25.80
C ILE A 162 -10.54 4.50 26.91
N PHE A 163 -10.57 3.31 27.47
CA PHE A 163 -9.64 2.97 28.53
C PHE A 163 -8.20 3.25 28.17
N GLN A 164 -7.86 3.03 26.90
CA GLN A 164 -6.50 3.21 26.50
C GLN A 164 -6.31 4.70 26.39
N SER A 165 -7.25 5.35 25.71
CA SER A 165 -7.20 6.80 25.54
C SER A 165 -6.87 7.47 26.86
N SER A 166 -7.71 7.17 27.83
CA SER A 166 -7.59 7.66 29.18
C SER A 166 -6.14 7.43 29.59
N MET A 167 -5.85 6.18 29.91
CA MET A 167 -4.55 5.68 30.33
C MET A 167 -3.35 6.36 29.61
N THR A 168 -3.54 6.75 28.35
CA THR A 168 -2.47 7.45 27.62
C THR A 168 -2.25 8.84 28.25
N LYS A 169 -3.39 9.52 28.47
CA LYS A 169 -3.49 10.85 29.07
C LYS A 169 -2.99 10.87 30.54
N ILE A 170 -3.21 9.78 31.27
CA ILE A 170 -2.79 9.77 32.66
C ILE A 170 -1.28 9.72 32.84
N LEU A 171 -0.57 9.32 31.80
CA LEU A 171 0.89 9.16 31.91
C LEU A 171 1.63 10.35 31.36
N GLU A 172 1.02 10.99 30.35
CA GLU A 172 1.60 12.16 29.68
C GLU A 172 2.42 13.01 30.62
N PRO A 173 1.89 13.32 31.83
CA PRO A 173 2.56 14.05 32.91
C PRO A 173 3.80 13.28 33.36
N PHE A 174 3.60 12.08 33.90
CA PHE A 174 4.74 11.30 34.36
C PHE A 174 5.72 11.07 33.24
N ARG A 175 5.21 11.07 32.01
CA ARG A 175 6.09 10.91 30.85
C ARG A 175 6.98 12.16 30.79
N LYS A 176 6.33 13.32 30.77
CA LYS A 176 7.03 14.60 30.70
C LYS A 176 8.17 14.73 31.68
N GLN A 177 7.95 14.34 32.93
CA GLN A 177 8.99 14.44 33.95
C GLN A 177 9.81 13.19 34.01
N ASN A 178 9.74 12.38 32.96
CA ASN A 178 10.48 11.12 32.96
C ASN A 178 10.81 10.65 31.54
N PRO A 179 11.46 11.52 30.74
CA PRO A 179 11.84 11.25 29.35
C PRO A 179 12.71 10.02 29.15
N ASP A 180 13.53 9.70 30.14
CA ASP A 180 14.45 8.56 30.06
C ASP A 180 13.83 7.22 30.47
N ILE A 181 12.52 7.26 30.72
CA ILE A 181 11.76 6.10 31.14
C ILE A 181 10.81 5.73 30.01
N VAL A 182 10.87 4.47 29.65
CA VAL A 182 10.05 3.95 28.57
C VAL A 182 8.77 3.28 29.11
N ILE A 183 7.63 3.71 28.58
CA ILE A 183 6.38 3.10 29.00
C ILE A 183 5.71 2.39 27.84
N TYR A 184 5.58 1.09 28.01
CA TYR A 184 4.91 0.34 27.00
C TYR A 184 3.48 0.04 27.44
N GLN A 185 2.54 0.80 26.86
CA GLN A 185 1.10 0.62 27.11
C GLN A 185 0.56 -0.56 26.26
N TYR A 186 0.23 -1.69 26.88
CA TYR A 186 -0.37 -2.77 26.09
C TYR A 186 -1.58 -3.35 26.79
N MET A 187 -2.74 -3.08 26.22
CA MET A 187 -3.99 -3.52 26.82
C MET A 187 -4.06 -2.90 28.21
N ASP A 188 -4.23 -3.73 29.24
CA ASP A 188 -4.24 -3.19 30.58
C ASP A 188 -2.94 -3.50 31.31
N ASP A 189 -1.86 -3.54 30.54
CA ASP A 189 -0.52 -3.75 31.07
C ASP A 189 0.28 -2.50 30.86
N LEU A 190 1.40 -2.46 31.57
CA LEU A 190 2.34 -1.36 31.60
C LEU A 190 3.74 -1.97 31.73
N TYR A 191 4.57 -1.75 30.71
CA TYR A 191 5.95 -2.24 30.69
C TYR A 191 6.83 -1.05 30.88
N VAL A 192 7.53 -1.05 32.00
CA VAL A 192 8.41 0.06 32.34
C VAL A 192 9.87 -0.29 32.40
N GLY A 193 10.61 0.33 31.48
CA GLY A 193 12.03 0.10 31.37
C GLY A 193 12.85 1.33 31.58
N SER A 194 13.99 1.13 32.22
CA SER A 194 14.93 2.21 32.46
C SER A 194 16.33 1.64 32.61
N ASP A 195 17.31 2.45 32.22
CA ASP A 195 18.70 2.07 32.34
C ASP A 195 19.24 2.61 33.66
N LEU A 196 18.33 2.69 34.64
CA LEU A 196 18.62 3.16 35.99
C LEU A 196 19.35 2.11 36.81
N GLU A 197 19.88 2.59 37.92
CA GLU A 197 20.61 1.76 38.87
C GLU A 197 19.55 1.17 39.78
N ILE A 198 19.25 -0.12 39.57
CA ILE A 198 18.24 -0.88 40.32
C ILE A 198 17.29 -0.08 41.23
N GLY A 199 17.80 0.29 42.41
CA GLY A 199 17.10 1.07 43.42
C GLY A 199 16.30 2.26 42.93
N GLN A 200 16.96 3.22 42.27
CA GLN A 200 16.23 4.39 41.77
C GLN A 200 15.17 3.95 40.77
N HIS A 201 15.32 2.73 40.24
CA HIS A 201 14.33 2.17 39.32
C HIS A 201 13.13 1.80 40.19
N ARG A 202 13.37 0.93 41.17
CA ARG A 202 12.37 0.50 42.15
C ARG A 202 11.61 1.73 42.62
N THR A 203 12.38 2.78 42.75
CA THR A 203 11.90 4.08 43.16
C THR A 203 10.95 4.71 42.15
N LYS A 204 11.47 4.95 40.94
CA LYS A 204 10.74 5.59 39.85
C LYS A 204 9.42 4.89 39.55
N ILE A 205 9.44 3.57 39.65
CA ILE A 205 8.27 2.72 39.46
C ILE A 205 7.21 3.10 40.47
N GLU A 206 7.60 3.23 41.73
CA GLU A 206 6.63 3.59 42.76
C GLU A 206 6.10 4.99 42.55
N GLU A 207 6.97 5.91 42.20
CA GLU A 207 6.55 7.27 41.94
C GLU A 207 5.46 7.28 40.83
N LEU A 208 5.51 6.21 40.04
CA LEU A 208 4.58 5.94 38.96
C LEU A 208 3.32 5.39 39.59
N ARG A 209 3.43 4.25 40.28
CA ARG A 209 2.30 3.64 40.97
C ARG A 209 1.45 4.69 41.70
N GLN A 210 2.14 5.62 42.34
CA GLN A 210 1.50 6.71 43.03
C GLN A 210 0.83 7.60 42.02
N HIS A 211 1.57 7.95 40.98
CA HIS A 211 0.95 8.80 39.98
C HIS A 211 -0.32 8.11 39.46
N LEU A 212 -0.25 6.79 39.33
CA LEU A 212 -1.38 6.03 38.84
C LEU A 212 -2.51 6.02 39.84
N LEU A 213 -2.18 5.71 41.10
CA LEU A 213 -3.22 5.71 42.13
C LEU A 213 -3.89 7.06 42.29
N ARG A 214 -3.12 8.15 42.27
CA ARG A 214 -3.74 9.48 42.34
C ARG A 214 -4.83 9.65 41.25
N TRP A 215 -4.87 8.69 40.34
CA TRP A 215 -5.74 8.72 39.17
C TRP A 215 -6.78 7.63 39.06
N GLY A 216 -6.75 6.69 39.99
CA GLY A 216 -7.72 5.62 40.00
C GLY A 216 -7.07 4.31 39.65
N LEU A 217 -5.76 4.37 39.35
CA LEU A 217 -5.03 3.20 38.88
C LEU A 217 -4.21 2.40 39.87
N THR A 218 -4.80 1.27 40.21
CA THR A 218 -4.30 0.33 41.17
C THR A 218 -3.40 -0.71 40.50
N THR A 219 -2.09 -0.56 40.71
CA THR A 219 -1.05 -1.41 40.12
C THR A 219 -0.51 -2.37 41.19
N PRO A 220 0.49 -3.20 40.85
CA PRO A 220 0.92 -4.03 41.99
C PRO A 220 2.24 -3.54 42.61
N ASP A 221 2.40 -3.78 43.91
CA ASP A 221 3.65 -3.38 44.59
C ASP A 221 4.78 -4.31 44.18
N LYS A 222 5.98 -4.04 44.70
CA LYS A 222 7.12 -4.91 44.42
C LYS A 222 6.76 -6.26 45.02
N LYS A 223 7.47 -7.30 44.61
CA LYS A 223 7.20 -8.66 45.09
C LYS A 223 5.88 -9.15 44.51
N HIS A 224 4.92 -8.25 44.40
CA HIS A 224 3.66 -8.65 43.84
C HIS A 224 3.69 -8.59 42.32
N GLN A 225 4.77 -8.00 41.80
CA GLN A 225 4.96 -7.87 40.36
C GLN A 225 5.78 -8.99 39.73
N LYS A 226 5.48 -9.26 38.47
CA LYS A 226 6.12 -10.33 37.71
C LYS A 226 7.65 -10.29 37.75
N GLU A 227 8.23 -11.47 37.57
CA GLU A 227 9.68 -11.63 37.58
C GLU A 227 10.13 -12.14 36.22
N PRO A 228 11.02 -11.38 35.53
CA PRO A 228 11.48 -11.84 34.21
C PRO A 228 12.21 -13.14 34.40
N PRO A 229 12.21 -14.00 33.37
CA PRO A 229 11.71 -13.91 32.00
C PRO A 229 10.23 -13.55 31.84
N PHE A 230 9.94 -12.47 31.11
CA PHE A 230 8.56 -12.07 30.82
C PHE A 230 8.00 -12.88 29.65
N LEU A 231 6.90 -13.59 29.90
CA LEU A 231 6.34 -14.44 28.86
C LEU A 231 5.24 -13.80 28.03
N TRP A 232 5.57 -12.65 27.44
CA TRP A 232 4.66 -11.86 26.60
C TRP A 232 4.42 -12.45 25.21
N MET A 233 3.24 -12.15 24.67
CA MET A 233 2.81 -12.49 23.31
C MET A 233 3.39 -13.65 22.50
N GLY A 234 3.89 -14.69 23.15
CA GLY A 234 4.43 -15.83 22.41
C GLY A 234 5.94 -15.86 22.56
N TYR A 235 6.48 -14.87 23.27
CA TYR A 235 7.91 -14.78 23.46
C TYR A 235 8.38 -14.87 24.92
N GLU A 236 9.69 -14.95 25.10
CA GLU A 236 10.35 -15.02 26.39
C GLU A 236 11.17 -13.73 26.42
N LEU A 237 11.02 -12.94 27.48
CA LEU A 237 11.68 -11.66 27.48
C LEU A 237 12.82 -11.34 28.40
N HIS A 238 13.82 -12.22 28.46
CA HIS A 238 15.01 -12.02 29.28
C HIS A 238 15.65 -10.68 28.99
N PRO A 239 16.63 -10.28 29.84
CA PRO A 239 17.39 -9.01 29.85
C PRO A 239 18.18 -8.67 28.58
N ASP A 240 18.84 -9.67 27.99
CA ASP A 240 19.64 -9.39 26.82
C ASP A 240 19.31 -10.25 25.61
N LYS A 241 18.11 -10.82 25.61
CA LYS A 241 17.70 -11.65 24.52
C LYS A 241 16.22 -11.84 24.59
N TRP A 242 15.68 -12.37 23.52
CA TRP A 242 14.28 -12.64 23.45
C TRP A 242 14.27 -13.78 22.51
N THR A 243 13.09 -14.37 22.37
CA THR A 243 12.90 -15.58 21.57
C THR A 243 11.44 -15.99 21.66
N VAL A 244 11.01 -16.80 20.70
CA VAL A 244 9.69 -17.35 20.72
C VAL A 244 9.55 -18.18 22.02
N GLN A 245 8.30 -18.50 22.37
CA GLN A 245 8.02 -19.30 23.55
C GLN A 245 7.99 -20.74 23.10
N PRO A 246 8.59 -21.64 23.91
CA PRO A 246 8.77 -23.09 23.88
C PRO A 246 7.93 -23.80 22.82
N ILE A 247 8.61 -24.28 21.80
CA ILE A 247 7.95 -24.94 20.69
C ILE A 247 8.11 -26.45 20.74
N VAL A 248 7.00 -27.14 20.94
CA VAL A 248 7.02 -28.59 20.99
C VAL A 248 6.38 -29.24 19.76
N LEU A 249 7.19 -29.80 18.88
CA LEU A 249 6.59 -30.46 17.75
C LEU A 249 6.29 -31.90 18.13
N PRO A 250 5.02 -32.28 18.02
CA PRO A 250 4.39 -33.57 18.28
C PRO A 250 4.95 -34.74 17.48
N GLU A 251 5.52 -35.73 18.20
CA GLU A 251 5.95 -36.98 17.55
C GLU A 251 4.65 -37.75 17.49
N LYS A 252 4.33 -38.19 16.29
CA LYS A 252 3.07 -38.85 16.14
C LYS A 252 2.95 -39.77 14.93
N ASP A 253 2.40 -40.95 15.19
CA ASP A 253 2.06 -41.94 14.19
C ASP A 253 1.39 -41.30 12.98
N SER A 254 0.19 -40.76 13.17
CA SER A 254 -0.52 -40.21 12.03
C SER A 254 -0.96 -38.74 12.09
N TRP A 255 -0.86 -38.06 10.96
CA TRP A 255 -1.22 -36.64 10.94
C TRP A 255 -2.56 -36.32 10.26
N THR A 256 -3.40 -35.57 10.96
CA THR A 256 -4.68 -35.14 10.41
C THR A 256 -4.58 -33.68 9.98
N VAL A 257 -5.55 -33.22 9.21
CA VAL A 257 -5.54 -31.84 8.72
C VAL A 257 -5.22 -30.80 9.80
N ASN A 258 -5.93 -30.90 10.93
CA ASN A 258 -5.72 -30.10 12.15
C ASN A 258 -4.29 -30.23 12.75
N ASP A 259 -3.74 -31.45 12.81
CA ASP A 259 -2.40 -31.66 13.35
C ASP A 259 -1.33 -30.88 12.59
N ILE A 260 -1.41 -30.99 11.26
CA ILE A 260 -0.46 -30.35 10.36
C ILE A 260 -0.62 -28.86 10.42
N GLN A 261 -1.88 -28.42 10.43
CA GLN A 261 -2.15 -27.00 10.52
C GLN A 261 -1.49 -26.42 11.78
N LYS A 262 -1.85 -26.97 12.93
CA LYS A 262 -1.25 -26.51 14.16
C LYS A 262 0.28 -26.51 13.99
N LEU A 263 0.77 -27.53 13.32
CA LEU A 263 2.20 -27.73 13.07
C LEU A 263 2.81 -26.59 12.24
N VAL A 264 2.23 -26.36 11.06
CA VAL A 264 2.74 -25.32 10.20
C VAL A 264 2.77 -24.03 11.02
N GLY A 265 1.74 -23.80 11.84
CA GLY A 265 1.67 -22.64 12.69
C GLY A 265 2.86 -22.45 13.64
N LYS A 266 3.12 -23.43 14.49
CA LYS A 266 4.23 -23.24 15.43
C LYS A 266 5.48 -23.00 14.61
N LEU A 267 5.51 -23.63 13.45
CA LEU A 267 6.65 -23.53 12.58
C LEU A 267 6.88 -22.10 12.09
N ASN A 268 5.83 -21.54 11.52
CA ASN A 268 5.86 -20.19 11.01
C ASN A 268 6.21 -19.27 12.16
N TRP A 269 5.58 -19.48 13.31
CA TRP A 269 5.88 -18.68 14.47
C TRP A 269 7.37 -18.76 14.81
N ALA A 270 7.86 -20.00 14.77
CA ALA A 270 9.20 -20.32 15.19
C ALA A 270 10.22 -19.69 14.27
N SER A 271 9.81 -19.42 13.04
CA SER A 271 10.71 -18.84 12.09
C SER A 271 11.11 -17.38 12.27
N GLN A 272 10.65 -16.71 13.31
CA GLN A 272 10.98 -15.29 13.53
C GLN A 272 12.40 -15.20 13.92
N ILE A 273 12.90 -16.32 14.46
CA ILE A 273 14.19 -16.40 15.10
C ILE A 273 14.97 -17.69 14.86
N TYR A 274 14.28 -18.74 14.43
CA TYR A 274 14.98 -19.96 14.09
C TYR A 274 15.20 -19.95 12.57
N PRO A 275 16.46 -19.91 12.15
CA PRO A 275 16.93 -19.82 10.77
C PRO A 275 16.62 -21.00 9.87
N GLY A 276 16.02 -20.71 8.72
CA GLY A 276 15.72 -21.72 7.72
C GLY A 276 14.71 -22.79 8.08
N ILE A 277 13.61 -22.36 8.70
CA ILE A 277 12.58 -23.31 9.05
C ILE A 277 11.76 -23.37 7.78
N LYS A 278 11.55 -24.58 7.24
CA LYS A 278 10.80 -24.67 5.99
C LYS A 278 9.38 -25.12 6.28
N VAL A 279 8.47 -24.89 5.32
CA VAL A 279 7.06 -25.24 5.51
C VAL A 279 6.31 -25.63 4.20
N ARG A 280 7.01 -25.56 3.06
CA ARG A 280 6.42 -25.81 1.76
C ARG A 280 5.86 -27.17 1.65
N GLN A 281 6.70 -28.17 1.90
CA GLN A 281 6.29 -29.58 1.77
C GLN A 281 5.08 -29.85 2.64
N LEU A 282 5.21 -29.43 3.89
CA LEU A 282 4.15 -29.58 4.85
C LEU A 282 2.96 -28.81 4.30
N CYS A 283 3.18 -27.53 4.02
CA CYS A 283 2.12 -26.66 3.55
C CYS A 283 1.35 -27.24 2.38
N LYS A 284 2.01 -28.04 1.56
CA LYS A 284 1.35 -28.66 0.41
C LYS A 284 0.27 -29.72 0.76
N LEU A 285 0.50 -30.49 1.81
CA LEU A 285 -0.45 -31.52 2.18
C LEU A 285 -1.77 -30.86 2.45
N LEU A 286 -1.71 -29.59 2.83
CA LEU A 286 -2.91 -28.84 3.19
C LEU A 286 -3.76 -28.40 2.01
N ARG A 287 -3.23 -28.63 0.81
CA ARG A 287 -3.96 -28.26 -0.39
C ARG A 287 -5.20 -29.13 -0.56
N GLY A 288 -6.23 -28.56 -1.19
CA GLY A 288 -7.53 -29.16 -1.50
C GLY A 288 -8.24 -29.81 -0.32
N THR A 289 -7.65 -29.56 0.86
CA THR A 289 -8.06 -30.12 2.14
C THR A 289 -9.41 -30.80 2.25
N LYS A 290 -9.39 -31.93 2.95
CA LYS A 290 -10.60 -32.71 3.21
C LYS A 290 -10.95 -32.35 4.64
N ALA A 291 -11.33 -33.37 5.43
CA ALA A 291 -11.72 -33.19 6.83
C ALA A 291 -10.75 -32.33 7.66
N LEU A 292 -11.00 -32.26 8.95
CA LEU A 292 -10.13 -31.53 9.83
C LEU A 292 -9.42 -32.64 10.59
N THR A 293 -10.14 -33.76 10.71
CA THR A 293 -9.67 -34.95 11.39
C THR A 293 -9.16 -35.95 10.35
N GLU A 294 -9.44 -35.67 9.08
CA GLU A 294 -9.00 -36.56 8.05
C GLU A 294 -7.49 -36.77 8.09
N VAL A 295 -7.05 -38.03 8.19
CA VAL A 295 -5.60 -38.29 8.28
C VAL A 295 -4.83 -38.08 6.97
N ILE A 296 -3.64 -37.49 7.09
CA ILE A 296 -2.84 -37.18 5.89
C ILE A 296 -1.48 -37.81 6.01
N PRO A 297 -1.20 -38.75 5.10
CA PRO A 297 0.08 -39.49 5.05
C PRO A 297 1.21 -38.55 4.60
N LEU A 298 2.08 -38.13 5.51
CA LEU A 298 3.16 -37.24 5.10
C LEU A 298 3.88 -37.86 3.92
N THR A 299 4.30 -37.00 2.99
CA THR A 299 5.02 -37.40 1.82
C THR A 299 6.49 -37.53 2.22
N GLU A 300 7.32 -38.05 1.31
CA GLU A 300 8.76 -38.18 1.57
C GLU A 300 9.35 -36.77 1.78
N GLU A 301 9.01 -35.86 0.88
CA GLU A 301 9.48 -34.51 0.99
C GLU A 301 9.02 -33.86 2.31
N ALA A 302 7.78 -34.14 2.70
CA ALA A 302 7.19 -33.62 3.94
C ALA A 302 7.93 -34.09 5.20
N GLU A 303 8.28 -35.37 5.23
CA GLU A 303 8.99 -35.93 6.40
C GLU A 303 10.42 -35.42 6.50
N LEU A 304 10.97 -35.08 5.35
CA LEU A 304 12.31 -34.55 5.33
C LEU A 304 12.26 -33.10 5.82
N GLU A 305 11.24 -32.35 5.37
CA GLU A 305 11.02 -30.97 5.85
C GLU A 305 10.94 -31.04 7.38
N LEU A 306 9.94 -31.76 7.87
CA LEU A 306 9.75 -32.02 9.29
C LEU A 306 11.09 -32.36 9.95
N ALA A 307 11.80 -33.29 9.33
CA ALA A 307 13.12 -33.79 9.75
C ALA A 307 14.13 -32.68 10.04
N GLU A 308 14.41 -31.93 8.98
CA GLU A 308 15.30 -30.76 8.99
C GLU A 308 14.85 -29.75 10.06
N ASN A 309 13.54 -29.59 10.15
CA ASN A 309 12.96 -28.64 11.05
C ASN A 309 13.16 -29.09 12.47
N ARG A 310 13.18 -30.40 12.70
CA ARG A 310 13.37 -30.89 14.07
C ARG A 310 14.79 -30.53 14.50
N GLU A 311 15.72 -30.72 13.56
CA GLU A 311 17.11 -30.43 13.81
C GLU A 311 17.31 -28.99 14.19
N ILE A 312 16.65 -28.10 13.46
CA ILE A 312 16.78 -26.67 13.73
C ILE A 312 16.46 -26.28 15.17
N LEU A 313 15.36 -26.82 15.66
CA LEU A 313 14.85 -26.49 16.98
C LEU A 313 15.52 -27.21 18.13
N LYS A 314 16.16 -28.34 17.83
CA LYS A 314 16.89 -29.09 18.86
C LYS A 314 18.03 -28.19 19.34
N GLU A 315 17.86 -27.51 20.48
CA GLU A 315 18.81 -26.53 21.03
C GLU A 315 18.24 -25.09 20.92
N PRO A 316 18.90 -24.09 21.52
CA PRO A 316 17.98 -22.99 21.18
C PRO A 316 18.58 -21.65 20.78
N VAL A 317 17.83 -21.00 19.90
CA VAL A 317 18.16 -19.69 19.40
C VAL A 317 17.49 -18.58 20.21
N HIS A 318 18.18 -17.46 20.34
CA HIS A 318 17.60 -16.34 21.05
C HIS A 318 17.93 -15.13 20.19
N GLY A 319 17.12 -14.08 20.25
CA GLY A 319 17.45 -12.92 19.45
C GLY A 319 17.87 -11.82 20.38
N VAL A 320 18.62 -10.84 19.86
CA VAL A 320 19.10 -9.73 20.67
C VAL A 320 18.23 -8.52 20.42
N TYR A 321 18.47 -7.45 21.18
CA TYR A 321 17.67 -6.24 21.04
C TYR A 321 18.28 -5.20 20.10
N TYR A 322 17.62 -4.05 19.96
CA TYR A 322 18.03 -3.05 19.00
C TYR A 322 18.89 -1.95 19.54
N ASP A 323 19.83 -1.53 18.71
CA ASP A 323 20.84 -0.53 19.07
C ASP A 323 20.82 0.54 18.01
N PRO A 324 19.97 1.53 18.19
CA PRO A 324 19.73 2.57 17.20
C PRO A 324 21.00 3.30 16.82
N SER A 325 22.10 2.91 17.45
CA SER A 325 23.38 3.56 17.20
C SER A 325 24.20 2.70 16.25
N LYS A 326 23.53 1.87 15.48
CA LYS A 326 24.20 0.96 14.57
C LYS A 326 23.30 0.73 13.38
N ASP A 327 23.93 0.31 12.28
CA ASP A 327 23.18 0.06 11.05
C ASP A 327 22.52 -1.30 11.15
N LEU A 328 21.53 -1.50 10.30
CA LEU A 328 20.81 -2.77 10.28
C LEU A 328 21.31 -3.54 9.08
N ILE A 329 21.75 -4.77 9.27
CA ILE A 329 22.16 -5.50 8.10
C ILE A 329 21.19 -6.63 7.87
N ALA A 330 20.72 -6.76 6.63
CA ALA A 330 19.79 -7.82 6.26
C ALA A 330 20.37 -8.62 5.08
N GLU A 331 20.45 -9.96 5.28
CA GLU A 331 21.01 -10.91 4.29
C GLU A 331 19.96 -11.96 3.91
N ILE A 332 19.75 -12.16 2.62
CA ILE A 332 18.76 -13.12 2.17
C ILE A 332 19.45 -14.31 1.52
N GLN A 333 18.77 -15.45 1.50
CA GLN A 333 19.28 -16.64 0.84
C GLN A 333 18.12 -17.37 0.24
N LYS A 334 18.40 -17.99 -0.90
CA LYS A 334 17.46 -18.85 -1.62
C LYS A 334 17.42 -20.24 -0.91
N GLN A 335 16.31 -20.54 -0.27
CA GLN A 335 16.21 -21.86 0.39
C GLN A 335 15.85 -22.97 -0.56
N GLY A 336 15.09 -22.69 -1.61
CA GLY A 336 14.74 -23.76 -2.50
C GLY A 336 13.55 -23.41 -3.34
N GLN A 337 12.72 -24.43 -3.60
CA GLN A 337 11.53 -24.36 -4.44
C GLN A 337 10.67 -23.09 -4.23
N GLY A 338 11.20 -21.94 -4.59
CA GLY A 338 10.51 -20.68 -4.46
C GLY A 338 10.47 -20.14 -3.05
N GLN A 339 11.36 -20.64 -2.20
CA GLN A 339 11.40 -20.18 -0.83
C GLN A 339 12.70 -19.46 -0.52
N TRP A 340 12.60 -18.44 0.33
CA TRP A 340 13.71 -17.59 0.72
C TRP A 340 13.76 -17.44 2.22
N THR A 341 14.91 -17.00 2.72
CA THR A 341 15.10 -16.83 4.14
C THR A 341 16.13 -15.75 4.37
N TYR A 342 15.89 -14.93 5.38
CA TYR A 342 16.74 -13.79 5.61
C TYR A 342 16.88 -13.70 7.11
N GLN A 343 17.75 -12.81 7.54
CA GLN A 343 17.98 -12.60 8.96
C GLN A 343 18.55 -11.24 9.06
N ILE A 344 18.12 -10.52 10.10
CA ILE A 344 18.59 -9.19 10.34
C ILE A 344 19.48 -9.22 11.57
N TYR A 345 20.64 -8.57 11.47
CA TYR A 345 21.56 -8.50 12.58
C TYR A 345 22.25 -7.16 12.49
N GLN A 346 22.70 -6.65 13.62
CA GLN A 346 23.35 -5.34 13.59
C GLN A 346 24.88 -5.58 13.63
N GLU A 347 25.26 -6.72 14.23
CA GLU A 347 26.65 -7.14 14.31
C GLU A 347 26.81 -8.62 13.95
N PRO A 348 27.61 -8.89 12.91
CA PRO A 348 27.86 -10.18 12.28
C PRO A 348 27.56 -11.38 13.07
N PHE A 349 26.33 -11.77 12.81
CA PHE A 349 25.78 -13.03 13.14
C PHE A 349 25.01 -13.11 14.43
N LYS A 350 24.92 -11.96 15.09
CA LYS A 350 24.12 -11.84 16.29
C LYS A 350 22.80 -11.24 15.86
N ASN A 351 21.97 -12.11 15.30
CA ASN A 351 20.68 -11.78 14.73
C ASN A 351 19.74 -11.09 15.67
N LEU A 352 19.03 -10.12 15.12
CA LEU A 352 17.97 -9.41 15.82
C LEU A 352 16.77 -10.31 15.59
N LYS A 353 16.54 -10.66 14.32
CA LYS A 353 15.45 -11.56 13.92
C LYS A 353 15.70 -12.21 12.58
N THR A 354 15.01 -13.31 12.34
CA THR A 354 15.07 -14.03 11.07
C THR A 354 13.63 -14.06 10.52
N GLY A 355 13.43 -14.60 9.33
CA GLY A 355 12.11 -14.66 8.76
C GLY A 355 12.27 -15.30 7.42
N LYS A 356 11.15 -15.70 6.81
CA LYS A 356 11.16 -16.40 5.53
C LYS A 356 10.21 -15.73 4.57
N TYR A 357 10.41 -15.96 3.27
CA TYR A 357 9.58 -15.36 2.23
C TYR A 357 9.34 -16.44 1.19
N ALA A 358 8.10 -16.64 0.80
CA ALA A 358 7.80 -17.66 -0.16
C ALA A 358 7.11 -17.11 -1.38
N ARG A 359 6.02 -16.40 -1.13
CA ARG A 359 5.17 -15.86 -2.19
C ARG A 359 5.36 -16.31 -3.67
N MET A 360 4.25 -16.68 -4.29
CA MET A 360 4.23 -17.01 -5.70
C MET A 360 3.57 -15.75 -6.31
N ARG A 361 4.28 -14.63 -6.30
CA ARG A 361 3.73 -13.41 -6.89
C ARG A 361 3.77 -13.53 -8.43
N GLY A 362 2.63 -13.94 -8.99
CA GLY A 362 2.48 -14.18 -10.42
C GLY A 362 2.24 -15.66 -10.70
N ALA A 363 2.12 -16.01 -11.97
CA ALA A 363 1.96 -17.41 -12.33
C ALA A 363 3.36 -17.91 -12.64
N HIS A 364 4.09 -17.11 -13.42
CA HIS A 364 5.47 -17.39 -13.80
C HIS A 364 6.24 -16.18 -13.37
N THR A 365 7.37 -16.44 -12.75
CA THR A 365 8.19 -15.36 -12.22
C THR A 365 9.59 -15.91 -12.33
N ASN A 366 10.52 -15.24 -11.65
CA ASN A 366 11.87 -15.73 -11.60
C ASN A 366 12.63 -15.30 -10.34
N ASP A 367 13.76 -15.93 -10.09
CA ASP A 367 14.58 -15.64 -8.94
C ASP A 367 14.93 -14.16 -8.78
N VAL A 368 15.20 -13.47 -9.89
CA VAL A 368 15.53 -12.05 -9.81
C VAL A 368 14.36 -11.22 -9.31
N LYS A 369 13.17 -11.65 -9.71
CA LYS A 369 11.93 -10.99 -9.26
C LYS A 369 11.63 -11.40 -7.80
N GLN A 370 11.70 -12.70 -7.52
CA GLN A 370 11.44 -13.14 -6.18
C GLN A 370 12.34 -12.44 -5.15
N LEU A 371 13.65 -12.36 -5.46
CA LEU A 371 14.61 -11.73 -4.58
C LEU A 371 14.15 -10.34 -4.22
N THR A 372 13.70 -9.59 -5.24
CA THR A 372 13.25 -8.22 -5.00
C THR A 372 11.90 -8.17 -4.30
N GLU A 373 11.09 -9.20 -4.48
CA GLU A 373 9.83 -9.28 -3.77
C GLU A 373 10.26 -9.41 -2.30
N ALA A 374 11.22 -10.31 -2.03
CA ALA A 374 11.74 -10.44 -0.68
C ALA A 374 12.28 -9.10 -0.17
N VAL A 375 13.23 -8.51 -0.90
CA VAL A 375 13.74 -7.20 -0.49
C VAL A 375 12.67 -6.17 -0.07
N GLN A 376 11.62 -6.02 -0.87
CA GLN A 376 10.57 -5.07 -0.54
C GLN A 376 9.88 -5.52 0.74
N LYS A 377 9.55 -6.80 0.81
CA LYS A 377 8.92 -7.31 1.99
C LYS A 377 9.77 -7.01 3.25
N ILE A 378 11.03 -7.44 3.23
CA ILE A 378 12.00 -7.19 4.29
C ILE A 378 12.03 -5.71 4.64
N THR A 379 12.15 -4.86 3.64
CA THR A 379 12.22 -3.40 3.82
C THR A 379 11.10 -2.83 4.66
N THR A 380 9.85 -3.15 4.29
CA THR A 380 8.71 -2.66 5.09
C THR A 380 8.82 -3.04 6.58
N GLU A 381 9.02 -4.35 6.78
CA GLU A 381 9.24 -4.92 8.08
C GLU A 381 10.15 -3.99 8.88
N SER A 382 11.28 -3.60 8.28
CA SER A 382 12.18 -2.70 8.97
C SER A 382 11.60 -1.32 9.28
N ILE A 383 11.00 -0.67 8.29
CA ILE A 383 10.42 0.66 8.56
C ILE A 383 9.51 0.56 9.78
N VAL A 384 8.73 -0.51 9.80
CA VAL A 384 7.80 -0.72 10.87
C VAL A 384 8.52 -0.97 12.18
N ILE A 385 9.48 -1.90 12.16
CA ILE A 385 10.12 -2.24 13.42
C ILE A 385 11.12 -1.20 13.91
N TRP A 386 11.86 -0.58 12.98
CA TRP A 386 12.94 0.34 13.32
C TRP A 386 12.84 1.75 12.75
N GLY A 387 11.89 1.96 11.86
CA GLY A 387 11.69 3.25 11.21
C GLY A 387 12.87 3.59 10.31
N LYS A 388 13.57 2.54 9.88
CA LYS A 388 14.73 2.69 9.00
C LYS A 388 14.96 1.40 8.16
N THR A 389 15.48 1.53 6.95
CA THR A 389 15.68 0.35 6.12
C THR A 389 17.08 -0.21 6.34
N PRO A 390 17.25 -1.52 6.04
CA PRO A 390 18.60 -2.08 6.28
C PRO A 390 19.42 -1.97 5.03
N LYS A 391 20.68 -2.37 5.18
CA LYS A 391 21.62 -2.47 4.10
C LYS A 391 21.54 -3.96 3.81
N PHE A 392 21.38 -4.30 2.54
CA PHE A 392 21.20 -5.71 2.17
C PHE A 392 22.51 -6.41 1.71
N LYS A 393 22.67 -7.68 2.06
CA LYS A 393 23.76 -8.47 1.52
C LYS A 393 23.02 -9.54 0.68
N LEU A 394 23.04 -9.40 -0.66
CA LEU A 394 22.28 -10.31 -1.55
C LEU A 394 23.11 -11.26 -2.44
N PRO A 395 22.64 -12.54 -2.57
CA PRO A 395 23.20 -13.69 -3.30
C PRO A 395 23.10 -13.45 -4.76
N ILE A 396 23.37 -12.24 -5.17
CA ILE A 396 23.25 -11.95 -6.56
C ILE A 396 24.36 -10.98 -6.98
N GLN A 397 24.76 -11.10 -8.24
CA GLN A 397 25.82 -10.27 -8.78
C GLN A 397 25.24 -8.94 -9.15
N LYS A 398 26.02 -7.89 -8.95
CA LYS A 398 25.59 -6.54 -9.28
C LYS A 398 25.45 -6.41 -10.79
N GLU A 399 26.26 -7.16 -11.52
CA GLU A 399 26.21 -7.14 -12.98
C GLU A 399 24.93 -7.82 -13.50
N THR A 400 24.48 -8.84 -12.76
CA THR A 400 23.28 -9.57 -13.08
C THR A 400 22.08 -8.69 -12.81
N TRP A 401 22.08 -8.05 -11.65
CA TRP A 401 20.99 -7.18 -11.27
C TRP A 401 20.79 -6.10 -12.32
N GLU A 402 21.76 -5.18 -12.41
CA GLU A 402 21.75 -4.06 -13.35
C GLU A 402 21.34 -4.48 -14.75
N THR A 403 21.74 -5.66 -15.15
CA THR A 403 21.38 -6.11 -16.48
C THR A 403 19.87 -6.17 -16.54
N TRP A 404 19.32 -7.12 -15.79
CA TRP A 404 17.89 -7.32 -15.70
C TRP A 404 17.12 -6.03 -15.45
N TRP A 405 17.42 -5.33 -14.35
CA TRP A 405 16.67 -4.13 -13.99
C TRP A 405 16.55 -3.32 -15.25
N THR A 406 17.69 -3.07 -15.82
CA THR A 406 17.84 -2.22 -16.96
C THR A 406 16.84 -2.49 -18.07
N GLU A 407 16.96 -3.66 -18.68
CA GLU A 407 16.09 -4.07 -19.75
C GLU A 407 14.61 -4.27 -19.38
N TYR A 408 14.33 -4.72 -18.15
CA TYR A 408 12.98 -4.98 -17.65
C TYR A 408 11.97 -3.85 -17.82
N TRP A 409 10.75 -4.17 -18.29
CA TRP A 409 9.71 -3.17 -18.54
C TRP A 409 9.24 -2.37 -17.33
N GLN A 410 9.09 -3.07 -16.22
CA GLN A 410 8.57 -2.53 -14.98
C GLN A 410 9.62 -1.68 -14.29
N ALA A 411 9.18 -0.67 -13.54
CA ALA A 411 10.10 0.17 -12.75
C ALA A 411 10.51 -0.68 -11.51
N THR A 412 11.79 -0.62 -11.15
CA THR A 412 12.33 -1.53 -10.17
C THR A 412 13.26 -0.78 -9.26
N TRP A 413 13.43 -1.26 -8.04
CA TRP A 413 14.37 -0.57 -7.16
C TRP A 413 14.72 -1.17 -5.82
N ILE A 414 16.01 -1.41 -5.63
CA ILE A 414 16.55 -1.96 -4.40
C ILE A 414 17.44 -0.90 -3.77
N PRO A 415 17.35 -0.73 -2.45
CA PRO A 415 18.23 0.19 -1.71
C PRO A 415 19.65 -0.41 -1.63
N GLU A 416 20.54 0.25 -0.91
CA GLU A 416 21.91 -0.20 -0.69
C GLU A 416 22.11 -1.72 -0.51
N TRP A 417 22.87 -2.34 -1.41
CA TRP A 417 23.23 -3.74 -1.18
C TRP A 417 24.62 -4.07 -1.67
N GLU A 418 24.98 -5.31 -1.47
CA GLU A 418 26.28 -5.80 -1.79
C GLU A 418 26.13 -7.27 -2.14
N PHE A 419 26.98 -7.74 -3.06
CA PHE A 419 26.95 -9.14 -3.47
C PHE A 419 27.41 -9.98 -2.29
N VAL A 420 26.99 -11.21 -2.29
CA VAL A 420 27.46 -12.09 -1.28
C VAL A 420 27.40 -13.47 -1.88
N ASN A 421 28.56 -14.12 -1.85
CA ASN A 421 28.75 -15.43 -2.43
C ASN A 421 28.19 -16.59 -1.60
N THR A 422 26.88 -16.55 -1.34
CA THR A 422 26.19 -17.58 -0.56
C THR A 422 25.22 -18.24 -1.54
N PRO A 423 25.62 -19.40 -2.11
CA PRO A 423 24.90 -20.17 -3.12
C PRO A 423 23.71 -20.90 -2.58
N PRO A 424 22.66 -21.07 -3.41
CA PRO A 424 22.62 -20.68 -4.82
C PRO A 424 22.70 -19.19 -5.06
N LEU A 425 23.32 -18.81 -6.18
CA LEU A 425 23.43 -17.42 -6.56
C LEU A 425 22.27 -17.14 -7.51
N VAL A 426 21.78 -15.92 -7.52
CA VAL A 426 20.63 -15.63 -8.34
C VAL A 426 21.04 -15.22 -9.75
N LYS A 427 20.49 -15.92 -10.73
CA LYS A 427 20.91 -15.64 -12.11
C LYS A 427 19.78 -15.63 -13.11
N LEU A 428 20.08 -15.07 -14.27
CA LEU A 428 19.17 -15.11 -15.40
C LEU A 428 19.51 -16.40 -16.15
N TRP A 429 18.52 -17.25 -16.39
CA TRP A 429 18.76 -18.56 -16.98
C TRP A 429 18.83 -18.68 -18.51
N TYR A 430 18.53 -17.58 -19.17
CA TYR A 430 18.51 -17.48 -20.61
C TYR A 430 18.19 -16.04 -20.98
N GLN A 431 18.46 -15.65 -22.21
CA GLN A 431 18.20 -14.27 -22.62
C GLN A 431 17.78 -14.23 -24.07
N LEU A 432 16.90 -13.30 -24.41
CA LEU A 432 16.45 -13.27 -25.79
C LEU A 432 17.17 -12.29 -26.72
N GLU A 433 17.53 -12.76 -27.90
CA GLU A 433 18.22 -11.94 -28.91
C GLU A 433 17.59 -10.57 -29.07
N LYS A 434 18.42 -9.54 -29.18
CA LYS A 434 17.88 -8.22 -29.40
C LYS A 434 17.40 -8.15 -30.84
N GLU A 435 18.25 -8.69 -31.74
CA GLU A 435 18.01 -8.76 -33.19
C GLU A 435 18.02 -10.20 -33.75
N PRO A 436 17.30 -10.44 -34.88
CA PRO A 436 17.01 -11.66 -35.66
C PRO A 436 18.23 -12.44 -36.06
N ILE A 437 18.40 -13.60 -35.43
CA ILE A 437 19.54 -14.46 -35.73
C ILE A 437 19.56 -14.74 -37.24
N VAL A 438 20.72 -14.62 -37.87
CA VAL A 438 20.85 -14.83 -39.31
C VAL A 438 21.31 -16.25 -39.56
N GLY A 439 20.86 -16.82 -40.68
CA GLY A 439 21.20 -18.19 -41.03
C GLY A 439 20.75 -19.10 -39.90
N ALA A 440 19.56 -18.80 -39.40
CA ALA A 440 18.88 -19.54 -38.32
C ALA A 440 17.46 -19.68 -38.85
N GLU A 441 16.87 -20.86 -38.65
CA GLU A 441 15.55 -21.07 -39.23
C GLU A 441 14.55 -20.01 -38.85
N THR A 442 13.45 -19.97 -39.57
CA THR A 442 12.43 -19.00 -39.26
C THR A 442 11.04 -19.60 -39.11
N PHE A 443 10.79 -20.16 -37.93
CA PHE A 443 9.49 -20.69 -37.61
C PHE A 443 8.45 -19.60 -37.44
N TYR A 444 7.49 -19.60 -38.33
CA TYR A 444 6.35 -18.73 -38.21
C TYR A 444 5.38 -19.67 -37.47
N VAL A 445 5.31 -19.53 -36.15
CA VAL A 445 4.48 -20.43 -35.37
C VAL A 445 3.06 -19.93 -35.29
N ASP A 446 2.13 -20.86 -35.07
CA ASP A 446 0.72 -20.55 -34.95
C ASP A 446 -0.11 -21.49 -34.09
N GLY A 447 -1.24 -21.01 -33.61
CA GLY A 447 -2.05 -21.79 -32.71
C GLY A 447 -3.39 -21.11 -32.53
N ALA A 448 -4.44 -21.91 -32.40
CA ALA A 448 -5.79 -21.41 -32.28
C ALA A 448 -6.66 -22.54 -31.76
N ALA A 449 -7.76 -22.18 -31.11
CA ALA A 449 -8.68 -23.15 -30.50
C ALA A 449 -10.14 -22.78 -30.71
N ASN A 450 -10.95 -23.77 -31.08
CA ASN A 450 -12.39 -23.55 -31.27
C ASN A 450 -13.11 -23.45 -29.93
N ARG A 451 -13.61 -22.25 -29.63
CA ARG A 451 -14.32 -21.92 -28.39
C ARG A 451 -15.47 -22.86 -28.01
N GLU A 452 -16.08 -23.44 -29.04
CA GLU A 452 -17.22 -24.34 -28.89
C GLU A 452 -16.82 -25.80 -28.64
N THR A 453 -15.94 -26.33 -29.47
CA THR A 453 -15.48 -27.71 -29.36
C THR A 453 -14.32 -27.85 -28.39
N LYS A 454 -13.80 -26.72 -27.95
CA LYS A 454 -12.65 -26.68 -27.04
C LYS A 454 -11.56 -27.52 -27.67
N LEU A 455 -11.58 -27.57 -28.99
CA LEU A 455 -10.65 -28.36 -29.76
C LEU A 455 -9.68 -27.37 -30.34
N GLY A 456 -8.44 -27.79 -30.53
CA GLY A 456 -7.44 -26.90 -31.11
C GLY A 456 -6.27 -27.52 -31.83
N LYS A 457 -5.79 -26.78 -32.83
CA LYS A 457 -4.62 -27.17 -33.63
C LYS A 457 -3.49 -26.26 -33.16
N ALA A 458 -2.25 -26.63 -33.46
CA ALA A 458 -1.11 -25.83 -33.04
C ALA A 458 0.14 -26.21 -33.83
N GLY A 459 0.49 -25.41 -34.83
CA GLY A 459 1.65 -25.72 -35.63
C GLY A 459 2.44 -24.55 -36.19
N TYR A 460 3.45 -24.89 -36.99
CA TYR A 460 4.28 -23.88 -37.59
C TYR A 460 4.60 -24.13 -39.06
N VAL A 461 5.23 -23.14 -39.65
CA VAL A 461 5.61 -23.14 -41.06
C VAL A 461 6.87 -22.30 -41.23
N THR A 462 7.99 -23.00 -41.38
CA THR A 462 9.29 -22.37 -41.53
C THR A 462 9.54 -21.74 -42.91
N ASN A 463 10.60 -20.95 -42.99
CA ASN A 463 11.00 -20.31 -44.25
C ASN A 463 11.98 -21.26 -44.98
N ARG A 464 11.98 -22.52 -44.57
CA ARG A 464 12.78 -23.57 -45.18
C ARG A 464 11.87 -24.76 -45.56
N GLY A 465 10.64 -24.41 -45.94
CA GLY A 465 9.63 -25.36 -46.38
C GLY A 465 9.13 -26.35 -45.32
N ARG A 466 9.95 -26.59 -44.30
CA ARG A 466 9.55 -27.46 -43.21
C ARG A 466 8.18 -26.96 -42.66
N GLN A 467 7.41 -27.89 -42.11
CA GLN A 467 6.07 -27.57 -41.62
C GLN A 467 5.63 -28.60 -40.60
N LYS A 468 4.52 -28.30 -39.93
CA LYS A 468 3.95 -29.18 -38.91
C LYS A 468 2.68 -28.60 -38.35
N VAL A 469 1.77 -29.48 -37.95
CA VAL A 469 0.53 -29.11 -37.26
C VAL A 469 0.30 -30.15 -36.17
N VAL A 470 -0.67 -29.90 -35.30
CA VAL A 470 -0.98 -30.80 -34.20
C VAL A 470 -2.36 -30.45 -33.71
N THR A 471 -3.06 -31.48 -33.24
CA THR A 471 -4.37 -31.28 -32.67
C THR A 471 -4.32 -31.49 -31.17
N LEU A 472 -4.89 -30.53 -30.45
CA LEU A 472 -4.88 -30.55 -29.01
C LEU A 472 -6.34 -30.69 -28.56
N THR A 473 -6.52 -31.55 -27.55
CA THR A 473 -7.83 -31.98 -27.08
C THR A 473 -8.75 -30.95 -26.46
N ASP A 474 -8.35 -30.47 -25.30
CA ASP A 474 -9.16 -29.47 -24.63
C ASP A 474 -8.21 -28.40 -24.21
N THR A 475 -8.05 -27.42 -25.08
CA THR A 475 -7.16 -26.33 -24.81
C THR A 475 -7.92 -25.06 -25.02
N THR A 476 -7.10 -24.02 -25.19
CA THR A 476 -7.53 -22.67 -25.44
C THR A 476 -6.50 -22.10 -26.38
N ASN A 477 -6.76 -20.89 -26.85
CA ASN A 477 -5.84 -20.19 -27.73
C ASN A 477 -4.56 -20.02 -26.95
N GLN A 478 -4.69 -19.44 -25.77
CA GLN A 478 -3.56 -19.30 -24.89
C GLN A 478 -2.69 -20.56 -24.95
N LYS A 479 -3.29 -21.68 -24.58
CA LYS A 479 -2.58 -22.95 -24.56
C LYS A 479 -2.08 -23.36 -25.93
N THR A 480 -2.93 -23.27 -26.96
CA THR A 480 -2.44 -23.61 -28.30
C THR A 480 -1.17 -22.81 -28.69
N GLU A 481 -1.20 -21.50 -28.41
CA GLU A 481 -0.14 -20.56 -28.72
C GLU A 481 1.23 -20.80 -28.05
N LEU A 482 1.18 -21.30 -26.83
CA LEU A 482 2.37 -21.68 -26.09
C LEU A 482 2.84 -23.02 -26.66
N GLN A 483 1.83 -23.82 -27.00
CA GLN A 483 2.01 -25.11 -27.62
C GLN A 483 2.78 -24.96 -28.96
N ALA A 484 2.32 -24.04 -29.81
CA ALA A 484 3.01 -23.77 -31.06
C ALA A 484 4.50 -23.44 -30.79
N ILE A 485 4.79 -22.46 -29.93
CA ILE A 485 6.17 -22.09 -29.68
C ILE A 485 7.02 -23.22 -29.11
N TYR A 486 6.38 -24.11 -28.38
CA TYR A 486 7.11 -25.24 -27.84
C TYR A 486 7.56 -26.07 -29.04
N LEU A 487 6.61 -26.38 -29.92
CA LEU A 487 6.89 -27.18 -31.11
C LEU A 487 8.08 -26.58 -31.83
N ALA A 488 7.91 -25.35 -32.30
CA ALA A 488 8.96 -24.61 -33.00
C ALA A 488 10.29 -24.66 -32.26
N LEU A 489 10.25 -24.77 -30.96
CA LEU A 489 11.51 -24.83 -30.24
C LEU A 489 12.01 -26.22 -30.32
N GLN A 490 11.07 -27.14 -30.21
CA GLN A 490 11.36 -28.57 -30.15
C GLN A 490 12.02 -29.13 -31.40
N ASP A 491 11.61 -28.63 -32.55
CA ASP A 491 12.10 -29.10 -33.83
C ASP A 491 13.11 -28.11 -34.37
N SER A 492 14.08 -27.63 -33.58
CA SER A 492 14.91 -26.60 -34.20
C SER A 492 16.36 -26.38 -33.80
N GLY A 493 16.86 -27.07 -32.78
CA GLY A 493 18.27 -26.90 -32.46
C GLY A 493 18.77 -25.51 -32.11
N LEU A 494 19.95 -25.49 -31.50
CA LEU A 494 20.56 -24.29 -30.93
C LEU A 494 20.37 -22.88 -31.49
N GLU A 495 19.52 -22.65 -32.48
CA GLU A 495 19.45 -21.27 -32.96
C GLU A 495 18.22 -20.69 -33.64
N VAL A 496 17.03 -21.02 -33.16
CA VAL A 496 15.78 -20.56 -33.76
C VAL A 496 15.45 -19.08 -33.80
N ASN A 497 14.54 -18.75 -34.70
CA ASN A 497 13.97 -17.44 -34.81
C ASN A 497 12.49 -17.81 -34.78
N ILE A 498 11.71 -17.13 -33.94
CA ILE A 498 10.31 -17.53 -33.83
C ILE A 498 9.37 -16.39 -34.02
N VAL A 499 8.39 -16.54 -34.88
CA VAL A 499 7.44 -15.44 -34.98
C VAL A 499 6.01 -15.78 -34.61
N THR A 500 5.55 -15.14 -33.52
CA THR A 500 4.20 -15.35 -33.01
C THR A 500 3.27 -14.16 -33.18
N ASP A 501 1.97 -14.45 -33.09
CA ASP A 501 0.89 -13.44 -33.20
C ASP A 501 0.26 -13.32 -31.81
N SER A 502 0.85 -14.06 -30.86
CA SER A 502 0.43 -14.06 -29.49
C SER A 502 1.33 -13.18 -28.62
N GLN A 503 0.77 -12.04 -28.23
CA GLN A 503 1.43 -11.11 -27.29
C GLN A 503 1.58 -11.86 -25.95
N TYR A 504 0.57 -12.68 -25.65
CA TYR A 504 0.53 -13.44 -24.44
C TYR A 504 1.83 -14.21 -24.22
N ALA A 505 2.09 -15.17 -25.11
CA ALA A 505 3.32 -15.96 -25.01
C ALA A 505 4.52 -15.00 -24.98
N LEU A 506 4.46 -14.02 -25.88
CA LEU A 506 5.50 -13.02 -26.02
C LEU A 506 5.80 -12.46 -24.64
N GLY A 507 4.79 -11.80 -24.06
CA GLY A 507 4.84 -11.23 -22.74
C GLY A 507 5.47 -12.20 -21.75
N ILE A 508 4.88 -13.38 -21.66
CA ILE A 508 5.38 -14.40 -20.74
C ILE A 508 6.89 -14.62 -20.84
N ILE A 509 7.36 -15.01 -22.03
CA ILE A 509 8.76 -15.35 -22.25
C ILE A 509 9.67 -14.11 -22.16
N GLN A 510 9.22 -13.01 -22.74
CA GLN A 510 10.02 -11.80 -22.71
C GLN A 510 10.49 -11.46 -21.29
N ALA A 511 9.66 -11.83 -20.32
CA ALA A 511 9.88 -11.67 -18.88
C ALA A 511 10.91 -12.61 -18.27
N GLN A 512 11.49 -13.46 -19.10
CA GLN A 512 12.47 -14.43 -18.65
C GLN A 512 12.07 -15.34 -17.52
N PRO A 513 10.86 -15.91 -17.55
CA PRO A 513 10.44 -16.80 -16.46
C PRO A 513 11.44 -17.90 -16.25
N ASP A 514 11.49 -18.50 -15.07
CA ASP A 514 12.37 -19.63 -14.83
C ASP A 514 11.69 -20.61 -13.94
N GLN A 515 10.37 -20.46 -13.85
CA GLN A 515 9.52 -21.30 -13.02
C GLN A 515 8.12 -20.81 -13.36
N SER A 516 7.14 -21.73 -13.38
CA SER A 516 5.78 -21.34 -13.72
C SER A 516 4.73 -22.30 -13.31
N GLU A 517 3.61 -21.76 -12.86
CA GLU A 517 2.47 -22.56 -12.47
C GLU A 517 2.15 -23.60 -13.54
N SER A 518 2.39 -23.24 -14.81
CA SER A 518 2.14 -24.12 -15.98
C SER A 518 3.27 -25.12 -16.34
N GLU A 519 2.89 -26.32 -16.76
CA GLU A 519 3.86 -27.36 -17.17
C GLU A 519 4.41 -27.04 -18.57
N LEU A 520 3.50 -26.67 -19.45
CA LEU A 520 3.85 -26.25 -20.80
C LEU A 520 4.87 -25.11 -20.72
N VAL A 521 4.54 -24.09 -19.97
CA VAL A 521 5.47 -22.99 -19.83
C VAL A 521 6.72 -23.53 -19.21
N ASN A 522 6.60 -24.57 -18.41
CA ASN A 522 7.82 -25.09 -17.85
C ASN A 522 8.75 -25.74 -18.89
N GLN A 523 8.16 -26.49 -19.81
CA GLN A 523 8.94 -27.11 -20.86
C GLN A 523 9.50 -26.08 -21.81
N ILE A 524 8.66 -25.12 -22.19
CA ILE A 524 9.13 -24.03 -23.02
C ILE A 524 10.38 -23.43 -22.40
N ILE A 525 10.50 -23.58 -21.08
CA ILE A 525 11.68 -23.06 -20.40
C ILE A 525 12.90 -23.91 -20.67
N GLU A 526 12.73 -25.23 -20.50
CA GLU A 526 13.85 -26.15 -20.68
C GLU A 526 14.48 -25.86 -22.01
N GLN A 527 13.63 -25.72 -23.02
CA GLN A 527 14.10 -25.38 -24.36
C GLN A 527 14.99 -24.14 -24.32
N LEU A 528 14.39 -22.98 -24.04
CA LEU A 528 15.08 -21.70 -23.98
C LEU A 528 16.48 -21.77 -23.34
N ILE A 529 16.58 -22.51 -22.25
CA ILE A 529 17.84 -22.67 -21.55
C ILE A 529 18.84 -23.44 -22.38
N LYS A 530 18.42 -24.64 -22.81
CA LYS A 530 19.24 -25.55 -23.64
C LYS A 530 19.71 -24.88 -24.94
N LYS A 531 18.80 -24.17 -25.61
CA LYS A 531 19.10 -23.43 -26.84
C LYS A 531 20.43 -22.64 -26.76
N GLU A 532 20.69 -21.82 -27.78
CA GLU A 532 21.95 -21.09 -27.81
C GLU A 532 21.72 -19.65 -28.19
N LYS A 533 20.82 -19.44 -29.13
CA LYS A 533 20.46 -18.11 -29.55
C LYS A 533 18.98 -18.11 -29.92
N VAL A 534 18.20 -17.22 -29.30
CA VAL A 534 16.79 -17.13 -29.64
C VAL A 534 16.19 -15.79 -29.85
N TYR A 535 15.71 -15.56 -31.06
CA TYR A 535 15.06 -14.31 -31.34
C TYR A 535 13.56 -14.68 -31.40
N LEU A 536 12.70 -13.69 -31.18
CA LEU A 536 11.29 -13.99 -31.08
C LEU A 536 10.51 -12.70 -31.32
N ALA A 537 9.63 -12.74 -32.32
CA ALA A 537 8.93 -11.54 -32.71
C ALA A 537 7.44 -11.76 -32.76
N TRP A 538 6.69 -10.66 -32.81
CA TRP A 538 5.25 -10.69 -32.76
C TRP A 538 4.66 -10.01 -34.00
N VAL A 539 3.47 -10.42 -34.39
CA VAL A 539 2.80 -9.79 -35.54
C VAL A 539 1.29 -9.80 -35.34
N PRO A 540 0.58 -9.09 -36.21
CA PRO A 540 -0.86 -9.12 -36.06
C PRO A 540 -1.39 -10.26 -36.89
N ALA A 541 -2.31 -11.03 -36.33
CA ALA A 541 -2.89 -12.13 -37.08
C ALA A 541 -4.16 -11.63 -37.74
N HIS A 542 -4.54 -12.26 -38.86
CA HIS A 542 -5.69 -11.86 -39.66
C HIS A 542 -5.26 -10.78 -40.64
N LYS A 543 -4.00 -10.39 -40.50
CA LYS A 543 -3.39 -9.41 -41.38
C LYS A 543 -2.44 -10.22 -42.25
N GLY A 544 -2.47 -9.95 -43.55
CA GLY A 544 -1.61 -10.65 -44.51
C GLY A 544 -0.14 -10.50 -44.17
N ILE A 545 0.22 -10.94 -42.97
CA ILE A 545 1.60 -10.89 -42.50
C ILE A 545 2.30 -12.21 -42.83
N GLY A 546 3.57 -12.13 -43.25
CA GLY A 546 4.39 -13.25 -43.66
C GLY A 546 3.56 -14.47 -44.03
N GLY A 547 3.91 -15.60 -43.45
CA GLY A 547 3.15 -16.81 -43.63
C GLY A 547 2.10 -16.88 -42.55
N ASN A 548 1.69 -15.72 -42.03
CA ASN A 548 0.68 -15.68 -40.98
C ASN A 548 -0.62 -16.17 -41.61
N GLU A 549 -0.86 -15.71 -42.83
CA GLU A 549 -2.05 -16.12 -43.60
C GLU A 549 -1.96 -17.62 -43.82
N GLN A 550 -0.73 -18.12 -43.83
CA GLN A 550 -0.43 -19.54 -44.01
C GLN A 550 -0.91 -20.34 -42.80
N VAL A 551 -0.11 -20.36 -41.73
CA VAL A 551 -0.49 -21.09 -40.51
C VAL A 551 -1.85 -20.61 -39.99
N ILE B 8 -14.26 34.67 11.79
CA ILE B 8 -15.10 34.61 10.60
C ILE B 8 -16.12 33.46 10.67
N GLU B 9 -17.34 33.71 10.21
CA GLU B 9 -18.38 32.67 10.19
C GLU B 9 -17.95 31.54 9.24
N THR B 10 -18.09 30.29 9.67
CA THR B 10 -17.63 29.16 8.88
C THR B 10 -18.59 28.55 7.89
N VAL B 11 -18.12 28.27 6.68
CA VAL B 11 -19.00 27.60 5.73
C VAL B 11 -19.08 26.09 5.98
N PRO B 12 -20.30 25.59 6.14
CA PRO B 12 -20.78 24.23 6.40
C PRO B 12 -20.51 23.29 5.21
N VAL B 13 -19.92 22.14 5.53
CA VAL B 13 -19.53 21.16 4.53
C VAL B 13 -20.27 19.83 4.72
N LYS B 14 -21.09 19.47 3.73
CA LYS B 14 -21.86 18.22 3.80
C LYS B 14 -21.18 17.09 3.03
N LEU B 15 -20.96 15.97 3.73
CA LEU B 15 -20.32 14.79 3.14
C LEU B 15 -21.25 14.21 2.10
N LYS B 16 -20.68 13.91 0.93
CA LYS B 16 -21.47 13.32 -0.16
C LYS B 16 -22.35 12.20 0.39
N PRO B 17 -23.65 12.49 0.57
CA PRO B 17 -24.80 11.72 1.10
C PRO B 17 -24.70 10.18 1.05
N GLY B 18 -25.10 9.56 2.17
CA GLY B 18 -25.12 8.11 2.30
C GLY B 18 -23.76 7.49 2.61
N MET B 19 -22.73 8.34 2.64
CA MET B 19 -21.40 7.86 2.93
C MET B 19 -20.74 8.84 3.87
N ASP B 20 -19.82 8.32 4.68
CA ASP B 20 -19.15 9.14 5.65
C ASP B 20 -17.62 9.16 5.62
N GLY B 21 -17.07 9.67 6.71
CA GLY B 21 -15.66 9.87 6.86
C GLY B 21 -14.85 8.74 6.35
N PRO B 22 -13.67 9.08 5.80
CA PRO B 22 -12.51 8.35 5.27
C PRO B 22 -11.91 7.75 6.48
N LYS B 23 -11.60 6.47 6.42
CA LYS B 23 -10.99 5.81 7.58
C LYS B 23 -9.80 5.11 6.97
N VAL B 24 -8.82 5.89 6.58
CA VAL B 24 -7.69 5.31 5.93
C VAL B 24 -6.51 4.98 6.82
N LYS B 25 -5.97 3.81 6.52
CA LYS B 25 -4.76 3.26 7.14
C LYS B 25 -3.54 4.20 6.96
N GLN B 26 -2.69 4.28 7.98
CA GLN B 26 -1.45 5.06 7.91
C GLN B 26 -0.15 4.26 7.68
N TRP B 27 0.53 4.55 6.60
CA TRP B 27 1.79 3.91 6.27
C TRP B 27 2.82 3.95 7.37
N PRO B 28 3.70 2.94 7.41
CA PRO B 28 4.77 3.08 8.40
C PRO B 28 5.63 4.23 7.90
N LEU B 29 6.00 5.15 8.75
CA LEU B 29 6.85 6.26 8.34
C LEU B 29 8.19 5.93 8.95
N THR B 30 9.26 6.58 8.50
CA THR B 30 10.57 6.34 9.06
C THR B 30 10.82 7.27 10.24
N GLU B 31 11.71 6.84 11.12
CA GLU B 31 12.01 7.59 12.32
C GLU B 31 12.31 9.02 11.96
N GLU B 32 13.03 9.21 10.87
CA GLU B 32 13.33 10.58 10.50
C GLU B 32 12.05 11.38 10.19
N LYS B 33 11.12 10.75 9.50
CA LYS B 33 9.90 11.42 9.12
C LYS B 33 8.99 11.67 10.30
N ILE B 34 9.01 10.77 11.28
CA ILE B 34 8.10 10.86 12.44
C ILE B 34 8.44 11.97 13.39
N LYS B 35 9.73 12.24 13.52
CA LYS B 35 10.21 13.27 14.40
C LYS B 35 9.91 14.53 13.65
N ALA B 36 10.38 14.57 12.40
CA ALA B 36 10.14 15.70 11.48
C ALA B 36 8.71 16.17 11.67
N LEU B 37 7.82 15.22 11.50
CA LEU B 37 6.39 15.45 11.55
C LEU B 37 5.89 15.93 12.89
N VAL B 38 6.43 15.31 13.95
CA VAL B 38 6.02 15.62 15.32
C VAL B 38 6.29 17.10 15.67
N GLU B 39 7.44 17.60 15.21
CA GLU B 39 7.78 18.99 15.43
C GLU B 39 6.68 19.84 14.77
N ILE B 40 6.46 19.64 13.49
CA ILE B 40 5.43 20.41 12.78
C ILE B 40 4.11 20.48 13.56
N CYS B 41 3.68 19.36 14.10
CA CYS B 41 2.36 19.33 14.69
C CYS B 41 2.27 20.00 16.03
N THR B 42 3.37 19.96 16.76
CA THR B 42 3.45 20.60 18.05
C THR B 42 3.35 22.10 17.79
N GLU B 43 3.97 22.51 16.70
CA GLU B 43 3.95 23.89 16.27
C GLU B 43 2.55 24.35 15.88
N MET B 44 2.00 23.72 14.85
CA MET B 44 0.65 24.00 14.39
C MET B 44 -0.34 23.94 15.56
N GLU B 45 -0.10 23.02 16.49
CA GLU B 45 -1.01 22.86 17.61
C GLU B 45 -1.04 24.15 18.44
N LYS B 46 0.17 24.59 18.83
CA LYS B 46 0.32 25.86 19.54
C LYS B 46 -0.36 26.94 18.72
N GLU B 47 0.01 27.11 17.46
CA GLU B 47 -0.69 28.12 16.64
C GLU B 47 -2.18 27.86 16.55
N GLY B 48 -2.63 26.72 17.08
CA GLY B 48 -4.04 26.37 17.12
C GLY B 48 -4.78 26.00 15.83
N LYS B 49 -4.04 25.50 14.86
CA LYS B 49 -4.61 25.07 13.57
C LYS B 49 -5.13 23.61 13.65
N ILE B 50 -4.49 22.88 14.56
CA ILE B 50 -4.83 21.50 14.85
C ILE B 50 -4.82 21.27 16.36
N SER B 51 -5.68 20.33 16.79
CA SER B 51 -5.83 19.97 18.19
C SER B 51 -5.93 18.46 18.34
N LYS B 52 -5.26 17.92 19.37
CA LYS B 52 -5.30 16.48 19.61
C LYS B 52 -6.75 16.08 19.68
N ILE B 53 -7.06 14.86 19.25
CA ILE B 53 -8.43 14.41 19.24
C ILE B 53 -8.50 13.13 20.02
N GLY B 54 -9.73 12.71 20.34
CA GLY B 54 -9.97 11.56 21.18
C GLY B 54 -10.39 10.34 20.41
N PRO B 55 -10.62 9.23 21.14
CA PRO B 55 -10.99 7.94 20.58
C PRO B 55 -12.37 8.07 20.02
N GLU B 56 -13.05 9.15 20.40
CA GLU B 56 -14.39 9.42 19.89
C GLU B 56 -14.42 9.66 18.35
N ASN B 57 -13.21 9.81 17.76
CA ASN B 57 -12.99 10.03 16.32
C ASN B 57 -12.50 8.74 15.70
N PRO B 58 -13.32 8.13 14.85
CA PRO B 58 -12.97 6.87 14.19
C PRO B 58 -12.27 7.08 12.84
N TYR B 59 -12.13 8.34 12.43
CA TYR B 59 -11.54 8.70 11.14
C TYR B 59 -10.04 8.74 11.05
N ASN B 60 -9.56 8.60 9.82
CA ASN B 60 -8.14 8.66 9.56
C ASN B 60 -7.75 9.02 8.15
N THR B 61 -6.67 9.79 8.07
CA THR B 61 -6.16 10.29 6.81
C THR B 61 -4.64 10.18 6.87
N PRO B 62 -4.03 9.74 5.74
CA PRO B 62 -2.58 9.58 6.00
C PRO B 62 -1.78 10.86 5.90
N VAL B 63 -0.58 10.80 6.45
CA VAL B 63 0.25 11.98 6.55
C VAL B 63 1.65 11.48 6.25
N PHE B 64 2.35 12.20 5.39
CA PHE B 64 3.70 11.88 4.96
C PHE B 64 4.47 13.13 5.26
N ALA B 65 5.79 13.09 5.03
CA ALA B 65 6.69 14.23 5.20
C ALA B 65 7.46 14.26 3.91
N ILE B 66 7.55 15.43 3.30
CA ILE B 66 8.26 15.58 2.05
C ILE B 66 9.26 16.69 2.23
N LYS B 67 9.88 17.11 1.11
CA LYS B 67 10.86 18.19 1.10
C LYS B 67 10.49 19.39 0.23
N LYS B 68 10.20 19.14 -1.05
CA LYS B 68 9.81 20.19 -2.00
C LYS B 68 11.01 20.91 -2.64
N LYS B 69 11.21 20.63 -3.94
CA LYS B 69 12.30 21.16 -4.78
C LYS B 69 13.08 22.37 -4.29
N ASP B 70 14.35 22.12 -3.95
CA ASP B 70 15.23 23.17 -3.45
C ASP B 70 14.85 23.58 -2.03
N SER B 71 14.92 22.63 -1.10
CA SER B 71 14.58 22.91 0.30
C SER B 71 15.03 21.83 1.26
N THR B 72 15.61 22.25 2.38
CA THR B 72 16.05 21.33 3.43
C THR B 72 14.94 21.07 4.45
N LYS B 73 14.14 22.12 4.71
CA LYS B 73 13.03 22.02 5.66
C LYS B 73 11.96 21.00 5.20
N TRP B 74 11.51 20.15 6.12
CA TRP B 74 10.50 19.13 5.81
C TRP B 74 9.19 19.81 5.80
N ARG B 75 8.32 19.36 4.91
CA ARG B 75 6.99 19.90 4.85
C ARG B 75 6.11 18.73 5.17
N LYS B 76 4.91 18.97 5.67
CA LYS B 76 4.06 17.84 6.02
C LYS B 76 3.00 17.73 4.97
N LEU B 77 2.84 16.53 4.43
CA LEU B 77 1.89 16.33 3.37
C LEU B 77 0.76 15.45 3.84
N VAL B 78 -0.47 15.91 3.62
CA VAL B 78 -1.62 15.13 4.03
C VAL B 78 -2.36 14.56 2.84
N ASP B 79 -2.57 13.25 2.88
CA ASP B 79 -3.20 12.57 1.77
C ASP B 79 -4.73 12.58 1.78
N PHE B 80 -5.30 13.74 1.44
CA PHE B 80 -6.75 13.90 1.42
C PHE B 80 -7.44 13.30 0.20
N ARG B 81 -6.84 12.28 -0.42
CA ARG B 81 -7.51 11.71 -1.57
C ARG B 81 -8.87 11.11 -1.21
N GLU B 82 -8.96 10.38 -0.13
CA GLU B 82 -10.23 9.78 0.12
C GLU B 82 -11.27 10.83 0.45
N LEU B 83 -10.91 11.71 1.37
CA LEU B 83 -11.82 12.75 1.81
C LEU B 83 -12.27 13.55 0.62
N ASN B 84 -11.36 13.77 -0.30
CA ASN B 84 -11.70 14.57 -1.43
C ASN B 84 -12.80 13.94 -2.25
N LYS B 85 -12.78 12.62 -2.31
CA LYS B 85 -13.76 11.82 -3.06
C LYS B 85 -15.09 12.01 -2.39
N ARG B 86 -15.10 11.80 -1.08
CA ARG B 86 -16.30 12.00 -0.25
C ARG B 86 -16.84 13.43 -0.19
N THR B 87 -16.05 14.43 -0.61
CA THR B 87 -16.52 15.80 -0.51
C THR B 87 -16.72 16.48 -1.85
N GLN B 88 -16.52 15.71 -2.92
CA GLN B 88 -16.63 16.17 -4.30
C GLN B 88 -17.85 16.96 -4.74
N ASP B 89 -18.95 16.88 -4.00
CA ASP B 89 -20.05 17.67 -4.45
C ASP B 89 -19.71 19.09 -4.08
N PHE B 90 -19.45 19.28 -2.81
CA PHE B 90 -19.12 20.59 -2.31
C PHE B 90 -18.09 21.33 -3.16
N TRP B 91 -16.88 20.80 -3.18
CA TRP B 91 -15.77 21.42 -3.87
C TRP B 91 -15.81 21.50 -5.38
N GLU B 92 -16.68 20.75 -6.01
CA GLU B 92 -16.71 20.78 -7.46
C GLU B 92 -17.99 21.19 -8.17
N VAL B 93 -19.11 20.75 -7.62
CA VAL B 93 -20.42 20.98 -8.22
C VAL B 93 -21.22 21.83 -7.26
N GLN B 94 -20.54 22.70 -6.53
CA GLN B 94 -21.19 23.48 -5.49
C GLN B 94 -20.39 24.74 -5.28
N LEU B 95 -19.09 24.56 -5.07
CA LEU B 95 -18.18 25.67 -4.82
C LEU B 95 -17.04 25.73 -5.82
N GLY B 96 -17.24 25.10 -6.98
CA GLY B 96 -16.27 25.05 -8.07
C GLY B 96 -15.55 26.32 -8.51
N ILE B 97 -14.34 26.12 -9.03
CA ILE B 97 -13.48 27.17 -9.56
C ILE B 97 -13.38 26.92 -11.06
N PRO B 98 -13.64 27.94 -11.87
CA PRO B 98 -13.57 27.62 -13.29
C PRO B 98 -12.14 27.57 -13.86
N HIS B 99 -11.92 26.76 -14.89
CA HIS B 99 -10.59 26.64 -15.47
C HIS B 99 -10.51 27.31 -16.85
N PRO B 100 -9.59 28.28 -17.00
CA PRO B 100 -9.25 29.15 -18.13
C PRO B 100 -8.60 28.35 -19.22
N ALA B 101 -9.23 28.39 -20.38
CA ALA B 101 -8.68 27.66 -21.52
C ALA B 101 -7.40 28.34 -21.92
N GLY B 102 -7.42 29.66 -21.75
CA GLY B 102 -6.34 30.56 -22.11
C GLY B 102 -5.01 30.24 -21.49
N LEU B 103 -5.06 29.87 -20.20
CA LEU B 103 -3.88 29.50 -19.46
C LEU B 103 -2.91 28.62 -20.28
N LYS B 104 -3.38 27.56 -20.92
CA LYS B 104 -2.49 26.74 -21.72
C LYS B 104 -1.85 27.45 -22.93
N LYS B 105 -2.44 28.54 -23.39
CA LYS B 105 -1.86 29.27 -24.50
C LYS B 105 -0.81 30.32 -24.08
N ASN B 106 -0.67 30.55 -22.78
CA ASN B 106 0.29 31.53 -22.31
C ASN B 106 1.75 31.13 -22.44
N LYS B 107 2.57 32.09 -22.86
CA LYS B 107 3.97 31.79 -23.19
C LYS B 107 4.78 31.34 -21.99
N SER B 108 4.32 31.73 -20.81
CA SER B 108 4.99 31.40 -19.56
C SER B 108 3.99 31.22 -18.41
N VAL B 109 4.07 30.09 -17.71
CA VAL B 109 3.23 29.86 -16.55
C VAL B 109 4.10 29.57 -15.36
N THR B 110 3.97 30.39 -14.34
CA THR B 110 4.71 30.25 -13.11
C THR B 110 3.80 29.70 -12.01
N VAL B 111 4.34 28.79 -11.21
CA VAL B 111 3.56 28.20 -10.11
C VAL B 111 3.92 28.76 -8.71
N LEU B 112 2.90 29.21 -7.96
CA LEU B 112 3.14 29.76 -6.60
C LEU B 112 2.36 29.04 -5.53
N ASP B 113 3.04 28.64 -4.44
CA ASP B 113 2.35 28.00 -3.34
C ASP B 113 1.51 29.03 -2.60
N VAL B 114 0.24 28.71 -2.38
CA VAL B 114 -0.70 29.64 -1.78
C VAL B 114 -1.33 28.98 -0.53
N GLY B 115 -0.90 27.74 -0.30
CA GLY B 115 -1.36 26.87 0.77
C GLY B 115 -1.44 27.55 2.13
N ASP B 116 -0.50 28.46 2.40
CA ASP B 116 -0.47 29.14 3.70
C ASP B 116 -1.70 29.98 3.97
N ALA B 117 -2.32 30.42 2.88
CA ALA B 117 -3.55 31.18 2.93
C ALA B 117 -4.61 30.59 3.85
N TYR B 118 -4.76 29.29 3.77
CA TYR B 118 -5.81 28.56 4.47
C TYR B 118 -5.93 28.61 5.98
N PHE B 119 -4.82 28.78 6.68
CA PHE B 119 -4.82 28.72 8.13
C PHE B 119 -5.38 29.93 8.86
N SER B 120 -5.72 30.94 8.09
CA SER B 120 -6.38 32.13 8.60
C SER B 120 -7.84 31.70 8.74
N VAL B 121 -8.28 30.89 7.80
CA VAL B 121 -9.64 30.46 7.81
C VAL B 121 -10.05 29.32 8.76
N PRO B 122 -11.24 29.44 9.34
CA PRO B 122 -11.66 28.37 10.23
C PRO B 122 -12.45 27.29 9.49
N LEU B 123 -12.09 26.05 9.80
CA LEU B 123 -12.80 24.89 9.26
C LEU B 123 -14.15 24.70 10.03
N ASP B 124 -15.21 24.38 9.27
CA ASP B 124 -16.52 24.15 9.86
C ASP B 124 -16.38 23.19 11.05
N GLU B 125 -16.82 23.65 12.21
CA GLU B 125 -16.73 22.91 13.46
C GLU B 125 -17.33 21.52 13.38
N ASP B 126 -18.43 21.41 12.67
CA ASP B 126 -19.05 20.10 12.46
C ASP B 126 -18.23 19.21 11.54
N PHE B 127 -17.40 19.82 10.69
CA PHE B 127 -16.54 19.10 9.75
C PHE B 127 -15.21 18.56 10.30
N ARG B 128 -14.52 19.35 11.10
CA ARG B 128 -13.21 18.96 11.60
C ARG B 128 -12.93 17.48 11.86
N LYS B 129 -13.91 16.75 12.35
CA LYS B 129 -13.62 15.37 12.69
C LYS B 129 -13.13 14.58 11.51
N TYR B 130 -13.53 15.00 10.32
CA TYR B 130 -13.20 14.28 9.12
C TYR B 130 -11.73 14.35 8.81
N THR B 131 -11.11 15.43 9.26
CA THR B 131 -9.71 15.71 8.99
C THR B 131 -8.74 15.03 9.96
N ALA B 132 -9.21 14.04 10.67
CA ALA B 132 -8.31 13.40 11.62
C ALA B 132 -7.15 12.69 10.94
N PHE B 133 -5.98 12.73 11.56
CA PHE B 133 -4.80 12.04 11.02
C PHE B 133 -3.89 11.53 12.14
N THR B 134 -3.19 10.43 11.92
CA THR B 134 -2.36 9.92 13.00
C THR B 134 -0.87 10.12 12.79
N ILE B 135 -0.08 10.13 13.87
CA ILE B 135 1.37 10.22 13.75
C ILE B 135 1.96 8.96 14.31
N PRO B 136 2.27 8.01 13.43
CA PRO B 136 2.73 6.70 13.88
C PRO B 136 3.89 6.73 14.90
N SER B 137 4.17 5.56 15.45
CA SER B 137 5.22 5.39 16.42
C SER B 137 5.99 4.17 15.96
N ILE B 138 7.31 4.20 16.09
CA ILE B 138 8.09 3.09 15.65
C ILE B 138 7.78 1.87 16.47
N ASN B 139 7.76 0.71 15.82
CA ASN B 139 7.44 -0.55 16.48
C ASN B 139 6.27 -0.43 17.44
N ASN B 140 5.23 0.28 17.03
CA ASN B 140 4.01 0.41 17.82
C ASN B 140 4.26 0.65 19.32
N GLU B 141 5.46 1.15 19.63
CA GLU B 141 5.89 1.46 20.98
C GLU B 141 4.81 2.23 21.69
N THR B 142 4.17 3.15 20.99
CA THR B 142 3.16 4.00 21.64
C THR B 142 1.96 4.25 20.80
N PRO B 143 1.00 5.00 21.35
CA PRO B 143 -0.15 5.29 20.48
C PRO B 143 0.09 6.53 19.59
N GLY B 144 -0.37 6.42 18.36
CA GLY B 144 -0.15 7.50 17.41
C GLY B 144 -0.69 8.78 17.95
N ILE B 145 -0.04 9.87 17.60
CA ILE B 145 -0.54 11.18 18.01
C ILE B 145 -1.77 11.54 17.15
N ARG B 146 -2.94 11.59 17.75
CA ARG B 146 -4.10 11.84 16.90
C ARG B 146 -4.49 13.28 16.95
N TYR B 147 -4.73 13.82 15.76
CA TYR B 147 -5.01 15.24 15.61
C TYR B 147 -6.18 15.47 14.71
N GLN B 148 -6.67 16.71 14.75
CA GLN B 148 -7.68 17.13 13.79
C GLN B 148 -7.64 18.63 13.42
N TYR B 149 -8.34 19.00 12.36
CA TYR B 149 -8.27 20.38 11.89
C TYR B 149 -9.29 21.41 12.43
N ASN B 150 -8.76 22.60 12.75
CA ASN B 150 -9.53 23.71 13.25
C ASN B 150 -9.72 24.64 12.04
N VAL B 151 -8.66 24.76 11.24
CA VAL B 151 -8.67 25.64 10.07
C VAL B 151 -8.67 24.83 8.77
N LEU B 152 -8.79 25.52 7.63
CA LEU B 152 -8.79 24.87 6.35
C LEU B 152 -7.49 24.07 6.18
N PRO B 153 -7.64 22.78 5.84
CA PRO B 153 -6.39 22.04 5.70
C PRO B 153 -5.78 22.22 4.31
N GLN B 154 -4.50 21.91 4.18
CA GLN B 154 -3.80 21.98 2.90
C GLN B 154 -3.81 20.57 2.32
N GLY B 155 -4.36 20.43 1.12
CA GLY B 155 -4.46 19.17 0.43
C GLY B 155 -5.91 18.82 0.24
N TRP B 156 -6.76 19.45 1.04
CA TRP B 156 -8.19 19.18 0.92
C TRP B 156 -8.76 20.11 -0.09
N LYS B 157 -9.24 19.52 -1.18
CA LYS B 157 -9.85 20.23 -2.33
C LYS B 157 -10.98 21.20 -1.94
N GLY B 158 -11.58 21.00 -0.76
CA GLY B 158 -12.62 21.89 -0.26
C GLY B 158 -12.08 23.25 0.18
N SER B 159 -10.81 23.26 0.58
CA SER B 159 -10.17 24.47 1.00
C SER B 159 -10.23 25.62 -0.01
N PRO B 160 -9.75 25.39 -1.24
CA PRO B 160 -9.81 26.54 -2.15
C PRO B 160 -11.26 26.92 -2.44
N ALA B 161 -12.10 25.90 -2.54
CA ALA B 161 -13.50 26.10 -2.91
C ALA B 161 -14.10 27.15 -2.00
N ILE B 162 -13.70 27.10 -0.74
CA ILE B 162 -14.14 28.06 0.24
C ILE B 162 -13.41 29.39 0.04
N PHE B 163 -12.11 29.33 0.37
CA PHE B 163 -11.24 30.47 0.23
C PHE B 163 -11.31 31.27 -1.07
N GLN B 164 -12.02 30.73 -2.05
CA GLN B 164 -12.23 31.36 -3.36
C GLN B 164 -12.44 32.89 -3.30
N SER B 165 -13.64 33.25 -2.83
CA SER B 165 -14.09 34.63 -2.66
C SER B 165 -12.99 35.48 -2.05
N SER B 166 -12.42 34.95 -0.98
CA SER B 166 -11.38 35.64 -0.28
C SER B 166 -10.15 35.81 -1.18
N MET B 167 -9.87 34.84 -2.03
CA MET B 167 -8.72 34.96 -2.92
C MET B 167 -8.98 35.87 -4.10
N THR B 168 -10.25 35.98 -4.45
CA THR B 168 -10.66 36.88 -5.54
C THR B 168 -10.43 38.38 -5.21
N LYS B 169 -10.47 38.71 -3.93
CA LYS B 169 -10.27 40.08 -3.47
C LYS B 169 -8.79 40.32 -3.47
N ILE B 170 -8.08 39.40 -2.88
CA ILE B 170 -6.61 39.44 -2.82
C ILE B 170 -6.05 39.71 -4.23
N LEU B 171 -6.65 39.07 -5.23
CA LEU B 171 -6.20 39.18 -6.61
C LEU B 171 -6.76 40.34 -7.44
N GLU B 172 -8.00 40.78 -7.13
CA GLU B 172 -8.70 41.81 -7.88
C GLU B 172 -7.85 42.87 -8.56
N PRO B 173 -7.19 43.73 -7.77
CA PRO B 173 -6.39 44.81 -8.35
C PRO B 173 -5.30 44.35 -9.31
N PHE B 174 -4.49 43.36 -8.91
CA PHE B 174 -3.44 42.86 -9.78
C PHE B 174 -4.07 42.42 -11.09
N ARG B 175 -5.28 41.89 -10.99
CA ARG B 175 -5.99 41.45 -12.18
C ARG B 175 -6.41 42.66 -13.00
N LYS B 176 -7.01 43.63 -12.31
CA LYS B 176 -7.46 44.89 -12.90
C LYS B 176 -6.33 45.48 -13.71
N GLN B 177 -5.18 45.59 -13.07
CA GLN B 177 -4.00 46.17 -13.69
C GLN B 177 -3.28 45.33 -14.72
N ASN B 178 -3.51 44.02 -14.74
CA ASN B 178 -2.79 43.16 -15.69
C ASN B 178 -3.74 42.23 -16.42
N PRO B 179 -4.72 42.80 -17.12
CA PRO B 179 -5.80 42.23 -17.91
C PRO B 179 -5.35 41.06 -18.79
N ASP B 180 -4.09 40.96 -19.12
CA ASP B 180 -3.71 39.85 -19.96
C ASP B 180 -2.83 38.82 -19.25
N ILE B 181 -3.08 38.66 -17.95
CA ILE B 181 -2.39 37.68 -17.11
C ILE B 181 -3.46 36.75 -16.59
N VAL B 182 -3.18 35.46 -16.65
CA VAL B 182 -4.10 34.43 -16.16
C VAL B 182 -3.75 33.86 -14.78
N ILE B 183 -4.70 33.94 -13.86
CA ILE B 183 -4.46 33.37 -12.56
C ILE B 183 -5.40 32.21 -12.26
N TYR B 184 -4.85 31.01 -12.19
CA TYR B 184 -5.67 29.87 -11.93
C TYR B 184 -5.16 29.26 -10.64
N GLN B 185 -6.08 28.88 -9.76
CA GLN B 185 -5.71 28.29 -8.48
C GLN B 185 -6.17 26.84 -8.49
N TYR B 186 -5.30 25.95 -8.05
CA TYR B 186 -5.65 24.54 -7.98
C TYR B 186 -5.07 24.06 -6.67
N MET B 187 -5.95 23.68 -5.76
CA MET B 187 -5.47 23.22 -4.47
C MET B 187 -4.65 24.32 -3.80
N ASP B 188 -3.40 24.04 -3.44
CA ASP B 188 -2.60 25.02 -2.71
C ASP B 188 -1.82 25.95 -3.62
N ASP B 189 -1.81 25.65 -4.92
CA ASP B 189 -1.03 26.44 -5.87
C ASP B 189 -1.77 27.44 -6.71
N LEU B 190 -1.03 28.43 -7.15
CA LEU B 190 -1.56 29.45 -8.00
C LEU B 190 -0.83 29.34 -9.33
N TYR B 191 -1.59 29.27 -10.42
CA TYR B 191 -1.00 29.26 -11.76
C TYR B 191 -1.04 30.68 -12.35
N VAL B 192 0.11 31.18 -12.76
CA VAL B 192 0.17 32.54 -13.30
C VAL B 192 0.80 32.58 -14.70
N GLY B 193 -0.01 32.92 -15.70
CA GLY B 193 0.47 32.94 -17.06
C GLY B 193 0.43 34.28 -17.80
N SER B 194 1.46 34.51 -18.60
CA SER B 194 1.55 35.69 -19.42
C SER B 194 2.35 35.36 -20.67
N ASP B 195 2.04 36.12 -21.73
CA ASP B 195 2.82 35.96 -22.95
C ASP B 195 3.91 37.05 -22.92
N LEU B 196 4.20 37.56 -21.72
CA LEU B 196 5.25 38.57 -21.54
C LEU B 196 6.67 38.05 -21.78
N GLU B 197 7.58 39.01 -21.87
CA GLU B 197 9.00 38.73 -21.98
C GLU B 197 9.32 38.03 -20.66
N ILE B 198 10.32 37.17 -20.65
CA ILE B 198 10.66 36.50 -19.40
C ILE B 198 10.83 37.37 -18.16
N GLY B 199 11.81 38.29 -18.17
CA GLY B 199 12.02 39.21 -17.04
C GLY B 199 10.78 40.03 -16.70
N GLN B 200 10.06 40.45 -17.73
CA GLN B 200 8.81 41.15 -17.53
C GLN B 200 7.85 40.23 -16.78
N HIS B 201 7.79 38.96 -17.24
CA HIS B 201 6.94 37.96 -16.60
C HIS B 201 7.43 37.75 -15.15
N ARG B 202 8.70 37.36 -15.02
CA ARG B 202 9.29 37.23 -13.70
C ARG B 202 8.90 38.40 -12.76
N THR B 203 8.95 39.60 -13.31
CA THR B 203 8.61 40.76 -12.54
C THR B 203 7.17 40.80 -12.09
N LYS B 204 6.25 40.67 -13.04
CA LYS B 204 4.84 40.71 -12.70
C LYS B 204 4.56 39.70 -11.58
N ILE B 205 5.35 38.64 -11.55
CA ILE B 205 5.19 37.63 -10.52
C ILE B 205 5.61 38.19 -9.17
N GLU B 206 6.86 38.68 -9.10
CA GLU B 206 7.37 39.27 -7.85
C GLU B 206 6.37 40.33 -7.34
N GLU B 207 5.87 41.12 -8.28
CA GLU B 207 4.87 42.12 -8.00
C GLU B 207 3.67 41.48 -7.37
N LEU B 208 3.19 40.40 -8.00
CA LEU B 208 2.04 39.63 -7.51
C LEU B 208 2.30 39.06 -6.10
N ARG B 209 3.51 38.52 -5.92
CA ARG B 209 3.93 37.92 -4.65
C ARG B 209 3.70 38.90 -3.51
N GLN B 210 4.02 40.16 -3.80
CA GLN B 210 3.90 41.28 -2.88
C GLN B 210 2.48 41.50 -2.46
N HIS B 211 1.62 41.61 -3.46
CA HIS B 211 0.20 41.69 -3.19
C HIS B 211 -0.19 40.60 -2.18
N LEU B 212 0.18 39.37 -2.48
CA LEU B 212 -0.16 38.23 -1.63
C LEU B 212 0.26 38.49 -0.20
N LEU B 213 1.48 39.02 -0.08
CA LEU B 213 2.15 39.33 1.17
C LEU B 213 1.34 40.13 2.20
N ARG B 214 0.53 41.06 1.71
CA ARG B 214 -0.28 41.89 2.58
C ARG B 214 -1.34 41.07 3.23
N TRP B 215 -1.79 40.03 2.55
CA TRP B 215 -2.82 39.18 3.13
C TRP B 215 -2.21 37.96 3.84
N GLY B 216 -0.89 37.83 3.79
CA GLY B 216 -0.20 36.72 4.42
C GLY B 216 0.55 35.83 3.45
N LEU B 217 -0.18 35.28 2.49
CA LEU B 217 0.40 34.34 1.51
C LEU B 217 1.77 34.74 0.94
N THR B 218 2.72 33.82 1.16
CA THR B 218 4.12 33.98 0.80
C THR B 218 4.51 33.13 -0.42
N GLY B 234 9.38 31.59 -8.76
CA GLY B 234 8.74 30.30 -8.52
C GLY B 234 9.12 29.20 -9.52
N TYR B 235 8.16 28.30 -9.79
CA TYR B 235 8.33 27.17 -10.72
C TYR B 235 7.87 27.62 -12.14
N GLU B 236 8.75 27.48 -13.14
CA GLU B 236 8.53 28.03 -14.50
C GLU B 236 8.24 27.18 -15.77
N LEU B 237 7.00 27.19 -16.27
CA LEU B 237 6.62 26.40 -17.44
C LEU B 237 6.28 27.18 -18.67
N HIS B 238 6.52 26.57 -19.83
CA HIS B 238 6.17 27.24 -21.06
C HIS B 238 5.26 26.32 -21.88
N PRO B 239 3.97 26.29 -21.49
CA PRO B 239 2.84 25.52 -22.02
C PRO B 239 2.82 25.46 -23.53
N ASP B 240 2.67 26.63 -24.15
CA ASP B 240 2.65 26.75 -25.62
C ASP B 240 3.71 25.98 -26.45
N LYS B 241 4.82 25.58 -25.81
CA LYS B 241 5.86 24.81 -26.49
C LYS B 241 5.81 23.37 -25.99
N TRP B 242 4.59 22.87 -25.85
CA TRP B 242 4.37 21.54 -25.34
C TRP B 242 4.04 20.60 -26.48
N THR B 243 4.52 21.00 -27.66
CA THR B 243 4.34 20.25 -28.91
C THR B 243 4.34 18.72 -28.72
N VAL B 244 3.56 18.05 -29.58
CA VAL B 244 3.36 16.61 -29.54
C VAL B 244 4.60 15.72 -29.38
N GLN B 245 4.31 14.43 -29.36
CA GLN B 245 5.32 13.38 -29.33
C GLN B 245 4.78 12.42 -30.43
N PRO B 246 4.86 12.88 -31.70
CA PRO B 246 4.29 12.10 -32.79
C PRO B 246 4.80 10.67 -32.79
N ILE B 247 3.90 9.71 -32.99
CA ILE B 247 4.34 8.31 -33.06
C ILE B 247 5.29 8.32 -34.24
N VAL B 248 6.49 7.80 -33.99
CA VAL B 248 7.57 7.86 -34.95
C VAL B 248 7.84 6.60 -35.72
N LEU B 249 7.68 6.71 -37.05
CA LEU B 249 7.98 5.62 -37.96
C LEU B 249 9.41 5.89 -38.38
N PRO B 250 10.22 4.85 -38.49
CA PRO B 250 11.61 5.19 -38.84
C PRO B 250 11.82 5.62 -40.28
N GLU B 251 13.04 6.11 -40.51
CA GLU B 251 13.54 6.46 -41.83
C GLU B 251 14.72 5.50 -41.96
N LYS B 252 14.97 5.01 -43.16
CA LYS B 252 16.06 4.06 -43.40
C LYS B 252 16.20 3.56 -44.84
N ASP B 253 17.43 3.24 -45.20
CA ASP B 253 17.73 2.66 -46.50
C ASP B 253 18.11 1.23 -46.14
N SER B 254 17.46 0.27 -46.80
CA SER B 254 17.59 -1.16 -46.49
C SER B 254 16.55 -1.54 -45.41
N TRP B 255 15.38 -2.00 -45.89
CA TRP B 255 14.25 -2.41 -45.05
C TRP B 255 14.05 -3.92 -45.00
N THR B 256 14.40 -4.55 -43.88
CA THR B 256 14.24 -5.99 -43.67
C THR B 256 12.78 -6.41 -43.41
N VAL B 257 12.49 -7.69 -43.55
CA VAL B 257 11.15 -8.19 -43.29
C VAL B 257 10.82 -7.73 -41.89
N ASN B 258 11.61 -8.26 -40.94
CA ASN B 258 11.59 -7.91 -39.52
C ASN B 258 11.14 -6.46 -39.31
N ASP B 259 11.88 -5.54 -39.93
CA ASP B 259 11.61 -4.10 -39.85
C ASP B 259 10.24 -3.69 -40.38
N ILE B 260 9.69 -4.55 -41.23
CA ILE B 260 8.39 -4.26 -41.83
C ILE B 260 7.27 -4.85 -40.98
N GLN B 261 7.49 -6.10 -40.59
CA GLN B 261 6.61 -6.84 -39.67
C GLN B 261 6.42 -5.87 -38.50
N LYS B 262 7.49 -5.14 -38.23
CA LYS B 262 7.51 -4.11 -37.21
C LYS B 262 6.72 -2.89 -37.69
N LEU B 263 7.03 -2.45 -38.90
CA LEU B 263 6.40 -1.26 -39.47
C LEU B 263 4.88 -1.32 -39.63
N VAL B 264 4.36 -2.51 -39.88
CA VAL B 264 2.92 -2.64 -40.04
C VAL B 264 2.34 -2.60 -38.66
N GLY B 265 2.95 -3.41 -37.79
CA GLY B 265 2.56 -3.53 -36.42
C GLY B 265 2.24 -2.16 -35.85
N LYS B 266 3.24 -1.26 -35.86
CA LYS B 266 3.07 0.10 -35.34
C LYS B 266 1.92 0.83 -36.06
N LEU B 267 2.00 0.80 -37.39
CA LEU B 267 1.04 1.46 -38.27
C LEU B 267 -0.31 0.86 -38.02
N ASN B 268 -0.34 -0.45 -38.15
CA ASN B 268 -1.57 -1.19 -38.01
C ASN B 268 -2.23 -0.80 -36.69
N TRP B 269 -1.42 -0.69 -35.64
CA TRP B 269 -1.92 -0.35 -34.32
C TRP B 269 -2.26 1.14 -34.14
N ALA B 270 -1.71 2.00 -35.00
CA ALA B 270 -1.98 3.44 -34.97
C ALA B 270 -3.31 3.81 -35.68
N SER B 271 -3.96 2.79 -36.25
CA SER B 271 -5.28 2.95 -36.80
C SER B 271 -6.05 2.67 -35.51
N GLN B 272 -7.37 2.61 -35.54
CA GLN B 272 -8.13 2.36 -34.29
C GLN B 272 -7.73 3.34 -33.18
N ILE B 273 -7.08 4.42 -33.61
CA ILE B 273 -6.61 5.52 -32.76
C ILE B 273 -6.41 6.69 -33.72
N TYR B 274 -5.58 6.47 -34.73
CA TYR B 274 -5.37 7.48 -35.74
C TYR B 274 -6.19 7.18 -36.98
N PRO B 275 -7.06 8.14 -37.35
CA PRO B 275 -8.03 8.24 -38.47
C PRO B 275 -7.34 8.31 -39.85
N GLY B 276 -7.83 7.54 -40.80
CA GLY B 276 -7.24 7.56 -42.13
C GLY B 276 -5.88 6.90 -42.25
N ILE B 277 -5.53 6.03 -41.31
CA ILE B 277 -4.25 5.32 -41.39
C ILE B 277 -4.36 4.29 -42.51
N LYS B 278 -3.23 3.90 -43.11
CA LYS B 278 -3.23 2.92 -44.19
C LYS B 278 -1.96 2.06 -44.30
N VAL B 279 -2.15 0.82 -44.74
CA VAL B 279 -1.05 -0.15 -44.81
C VAL B 279 -1.26 -1.25 -45.87
N ARG B 280 -2.43 -1.25 -46.51
CA ARG B 280 -2.77 -2.26 -47.54
C ARG B 280 -1.62 -2.60 -48.51
N GLN B 281 -0.82 -1.60 -48.89
CA GLN B 281 0.32 -1.76 -49.79
C GLN B 281 1.53 -2.26 -49.00
N LEU B 282 1.70 -1.74 -47.78
CA LEU B 282 2.78 -2.14 -46.90
C LEU B 282 2.67 -3.64 -46.67
N CYS B 283 1.51 -4.03 -46.12
CA CYS B 283 1.25 -5.43 -45.82
C CYS B 283 1.45 -6.33 -47.04
N LYS B 284 1.16 -5.78 -48.21
CA LYS B 284 1.37 -6.47 -49.47
C LYS B 284 2.80 -6.99 -49.44
N LEU B 285 3.76 -6.06 -49.30
CA LEU B 285 5.21 -6.34 -49.21
C LEU B 285 5.57 -7.70 -48.59
N LEU B 286 4.78 -8.06 -47.59
CA LEU B 286 4.96 -9.27 -46.80
C LEU B 286 4.12 -10.45 -47.28
N ARG B 287 4.75 -11.37 -48.02
CA ARG B 287 4.07 -12.53 -48.56
C ARG B 287 4.93 -13.81 -48.62
N GLY B 288 4.50 -14.84 -47.88
CA GLY B 288 5.17 -16.12 -47.83
C GLY B 288 6.05 -16.17 -46.60
N THR B 289 6.53 -17.37 -46.28
CA THR B 289 7.44 -17.58 -45.15
C THR B 289 8.87 -17.16 -45.53
N LYS B 290 9.07 -15.83 -45.47
CA LYS B 290 10.31 -15.18 -45.84
C LYS B 290 11.20 -14.95 -44.63
N ALA B 291 12.50 -15.20 -44.78
CA ALA B 291 13.44 -14.95 -43.67
C ALA B 291 13.38 -13.48 -43.26
N LEU B 292 13.36 -13.21 -41.95
CA LEU B 292 13.29 -11.83 -41.44
C LEU B 292 14.58 -11.06 -41.71
N THR B 293 15.71 -11.76 -41.62
CA THR B 293 17.05 -11.21 -41.87
C THR B 293 17.32 -10.92 -43.36
N GLU B 294 16.26 -10.97 -44.18
CA GLU B 294 16.38 -10.74 -45.62
C GLU B 294 15.84 -9.40 -46.07
N VAL B 295 16.68 -8.65 -46.79
CA VAL B 295 16.32 -7.35 -47.31
C VAL B 295 15.30 -7.43 -48.43
N ILE B 296 14.46 -6.42 -48.52
CA ILE B 296 13.47 -6.35 -49.58
C ILE B 296 13.27 -4.92 -50.05
N PRO B 297 13.60 -4.66 -51.32
CA PRO B 297 13.44 -3.36 -51.98
C PRO B 297 12.02 -2.88 -51.77
N LEU B 298 11.83 -1.57 -51.77
CA LEU B 298 10.50 -0.99 -51.57
C LEU B 298 9.77 -0.48 -52.81
N THR B 299 8.44 -0.65 -52.77
CA THR B 299 7.56 -0.15 -53.80
C THR B 299 7.22 1.30 -53.40
N GLU B 300 7.28 2.22 -54.38
CA GLU B 300 7.05 3.64 -54.13
C GLU B 300 5.57 4.12 -54.20
N GLU B 301 4.73 3.47 -53.39
CA GLU B 301 3.30 3.74 -53.23
C GLU B 301 3.01 3.31 -51.80
N ALA B 302 3.87 2.39 -51.34
CA ALA B 302 3.91 1.89 -49.96
C ALA B 302 4.82 2.92 -49.30
N GLU B 303 5.69 3.52 -50.12
CA GLU B 303 6.55 4.62 -49.71
C GLU B 303 5.66 5.85 -49.42
N LEU B 304 4.42 5.80 -49.90
CA LEU B 304 3.42 6.84 -49.66
C LEU B 304 2.79 6.69 -48.27
N GLU B 305 2.25 5.50 -47.96
CA GLU B 305 1.69 5.27 -46.63
C GLU B 305 2.75 5.59 -45.57
N LEU B 306 4.02 5.41 -45.92
CA LEU B 306 5.10 5.79 -45.02
C LEU B 306 4.82 7.28 -44.92
N ALA B 307 4.85 7.92 -46.09
CA ALA B 307 4.56 9.34 -46.21
C ALA B 307 3.21 9.71 -45.57
N GLU B 308 2.13 9.49 -46.34
CA GLU B 308 0.75 9.80 -45.93
C GLU B 308 0.47 9.60 -44.45
N ASN B 309 0.99 8.51 -43.88
CA ASN B 309 0.79 8.23 -42.47
C ASN B 309 1.74 9.10 -41.64
N ARG B 310 3.04 9.01 -41.97
CA ARG B 310 4.07 9.77 -41.28
C ARG B 310 3.64 11.21 -41.24
N GLU B 311 2.96 11.61 -42.31
CA GLU B 311 2.43 12.96 -42.44
C GLU B 311 1.24 13.11 -41.49
N ILE B 312 0.50 12.02 -41.28
CA ILE B 312 -0.62 12.04 -40.36
C ILE B 312 -0.06 11.96 -38.94
N LEU B 313 0.71 10.90 -38.72
CA LEU B 313 1.31 10.60 -37.44
C LEU B 313 1.75 11.82 -36.65
N LYS B 314 2.25 12.84 -37.35
CA LYS B 314 2.69 14.08 -36.71
C LYS B 314 1.53 14.96 -36.25
N GLU B 315 0.49 15.03 -37.08
CA GLU B 315 -0.69 15.86 -36.81
C GLU B 315 -1.75 15.15 -35.96
N PRO B 316 -2.09 15.73 -34.79
CA PRO B 316 -3.03 15.41 -33.70
C PRO B 316 -4.27 14.63 -34.16
N VAL B 317 -4.82 13.85 -33.24
CA VAL B 317 -5.98 13.06 -33.61
C VAL B 317 -7.17 13.93 -33.95
N HIS B 318 -7.78 13.59 -35.07
CA HIS B 318 -8.98 14.27 -35.49
C HIS B 318 -10.06 13.46 -34.76
N GLY B 319 -10.90 14.17 -34.01
CA GLY B 319 -12.02 13.52 -33.35
C GLY B 319 -12.00 13.44 -31.85
N VAL B 320 -10.80 13.53 -31.29
CA VAL B 320 -10.63 13.39 -29.86
C VAL B 320 -10.82 14.71 -29.15
N TYR B 321 -11.91 14.82 -28.40
CA TYR B 321 -12.18 15.99 -27.58
C TYR B 321 -12.27 15.63 -26.10
N TYR B 322 -12.05 16.63 -25.25
CA TYR B 322 -12.09 16.38 -23.82
C TYR B 322 -13.53 16.51 -23.25
N ASP B 323 -13.97 15.45 -22.57
CA ASP B 323 -15.29 15.42 -21.90
C ASP B 323 -15.11 15.75 -20.42
N PRO B 324 -15.41 16.99 -20.01
CA PRO B 324 -15.30 17.53 -18.64
C PRO B 324 -15.97 16.64 -17.59
N SER B 325 -16.79 15.70 -18.05
CA SER B 325 -17.44 14.77 -17.15
C SER B 325 -16.80 13.39 -17.28
N LYS B 326 -15.49 13.33 -17.49
CA LYS B 326 -14.84 12.05 -17.65
C LYS B 326 -13.40 12.00 -17.15
N ASP B 327 -13.18 11.17 -16.14
CA ASP B 327 -11.85 10.95 -15.53
C ASP B 327 -10.80 10.81 -16.61
N LEU B 328 -9.65 11.41 -16.35
CA LEU B 328 -8.54 11.37 -17.29
C LEU B 328 -7.59 10.24 -16.92
N ILE B 329 -6.98 9.61 -17.91
CA ILE B 329 -6.03 8.55 -17.59
C ILE B 329 -4.66 8.80 -18.18
N ALA B 330 -3.66 8.63 -17.34
CA ALA B 330 -2.32 8.85 -17.81
C ALA B 330 -1.70 7.52 -17.56
N GLU B 331 -1.03 7.03 -18.60
CA GLU B 331 -0.37 5.74 -18.62
C GLU B 331 1.08 6.05 -18.97
N ILE B 332 2.01 5.34 -18.33
CA ILE B 332 3.43 5.64 -18.53
C ILE B 332 4.22 4.37 -18.79
N GLN B 333 5.18 4.47 -19.71
CA GLN B 333 6.03 3.34 -20.03
C GLN B 333 7.52 3.62 -19.82
N LYS B 334 8.21 2.63 -19.31
CA LYS B 334 9.65 2.71 -19.10
C LYS B 334 10.33 2.33 -20.43
N GLN B 335 11.10 3.24 -21.00
CA GLN B 335 11.77 2.92 -22.27
C GLN B 335 13.11 2.29 -22.00
N GLY B 336 13.99 3.08 -21.41
CA GLY B 336 15.32 2.64 -21.04
C GLY B 336 16.11 3.91 -21.06
N GLN B 337 17.27 3.93 -20.40
CA GLN B 337 18.16 5.10 -20.38
C GLN B 337 17.55 6.43 -19.89
N GLY B 338 16.76 6.36 -18.82
CA GLY B 338 16.15 7.55 -18.27
C GLY B 338 15.00 8.06 -19.09
N GLN B 339 14.55 7.24 -20.06
CA GLN B 339 13.41 7.63 -20.92
C GLN B 339 12.11 6.96 -20.55
N TRP B 340 11.05 7.75 -20.58
CA TRP B 340 9.74 7.27 -20.21
C TRP B 340 8.74 7.92 -21.12
N THR B 341 7.71 7.17 -21.47
CA THR B 341 6.67 7.72 -22.31
C THR B 341 5.32 7.70 -21.60
N TYR B 342 4.46 8.65 -21.97
CA TYR B 342 3.16 8.78 -21.34
C TYR B 342 2.09 9.30 -22.29
N GLN B 343 0.85 8.89 -22.00
CA GLN B 343 -0.27 9.30 -22.84
C GLN B 343 -1.45 9.59 -21.96
N ILE B 344 -2.09 10.72 -22.23
CA ILE B 344 -3.23 11.10 -21.45
C ILE B 344 -4.38 10.90 -22.42
N TYR B 345 -5.47 10.32 -21.94
CA TYR B 345 -6.66 10.07 -22.73
C TYR B 345 -7.77 9.77 -21.73
N GLN B 346 -8.99 10.00 -22.19
CA GLN B 346 -10.18 9.79 -21.38
C GLN B 346 -10.78 8.43 -21.79
N GLU B 347 -10.51 8.04 -23.03
CA GLU B 347 -11.01 6.80 -23.58
C GLU B 347 -9.90 6.18 -24.42
N PRO B 348 -9.34 5.05 -23.96
CA PRO B 348 -8.28 4.18 -24.48
C PRO B 348 -7.98 4.47 -25.95
N PHE B 349 -6.71 4.52 -26.30
CA PHE B 349 -6.38 4.84 -27.67
C PHE B 349 -6.79 6.23 -28.17
N LYS B 350 -7.79 6.86 -27.55
CA LYS B 350 -8.17 8.23 -27.92
C LYS B 350 -7.42 9.28 -27.03
N ASN B 351 -6.15 9.46 -27.39
CA ASN B 351 -5.21 10.33 -26.72
C ASN B 351 -5.52 11.79 -26.86
N LEU B 352 -5.57 12.47 -25.71
CA LEU B 352 -5.77 13.90 -25.62
C LEU B 352 -4.34 14.50 -25.63
N LYS B 353 -3.34 13.70 -25.27
CA LYS B 353 -1.96 14.18 -25.23
C LYS B 353 -0.96 13.11 -24.93
N THR B 354 0.10 13.09 -25.72
CA THR B 354 1.19 12.16 -25.52
C THR B 354 2.42 12.98 -25.30
N GLY B 355 3.48 12.30 -24.91
CA GLY B 355 4.73 12.95 -24.68
C GLY B 355 5.73 11.92 -24.22
N LYS B 356 6.88 12.44 -23.83
CA LYS B 356 7.98 11.65 -23.33
C LYS B 356 8.62 12.52 -22.29
N TYR B 357 9.20 11.87 -21.30
CA TYR B 357 9.89 12.56 -20.25
C TYR B 357 11.21 11.84 -20.07
N ALA B 358 12.30 12.60 -20.14
CA ALA B 358 13.58 11.98 -19.93
C ALA B 358 14.38 12.74 -18.86
N ARG B 359 15.00 11.97 -17.97
CA ARG B 359 15.81 12.45 -16.87
C ARG B 359 16.77 13.54 -17.32
N HIS B 364 22.08 10.98 -10.20
CA HIS B 364 21.61 10.33 -8.99
C HIS B 364 20.14 9.86 -9.09
N THR B 365 19.73 9.39 -10.27
CA THR B 365 18.34 9.01 -10.54
C THR B 365 18.04 7.53 -10.76
N ASN B 366 17.24 6.94 -9.86
CA ASN B 366 16.82 5.55 -10.01
C ASN B 366 15.44 5.46 -10.60
N ASP B 367 15.01 4.24 -10.91
CA ASP B 367 13.74 4.05 -11.60
C ASP B 367 12.58 4.75 -10.94
N VAL B 368 12.51 4.57 -9.63
CA VAL B 368 11.45 5.18 -8.87
C VAL B 368 11.61 6.68 -8.84
N LYS B 369 12.83 7.16 -8.64
CA LYS B 369 13.01 8.60 -8.62
C LYS B 369 12.44 9.23 -9.90
N GLN B 370 12.80 8.66 -11.03
CA GLN B 370 12.34 9.14 -12.33
C GLN B 370 10.83 9.01 -12.53
N LEU B 371 10.31 7.81 -12.24
CA LEU B 371 8.89 7.57 -12.41
C LEU B 371 8.17 8.64 -11.62
N THR B 372 8.56 8.79 -10.36
CA THR B 372 8.00 9.85 -9.54
C THR B 372 7.99 11.24 -10.25
N GLU B 373 9.13 11.65 -10.79
CA GLU B 373 9.24 12.95 -11.43
C GLU B 373 8.35 13.10 -12.61
N ALA B 374 8.22 12.02 -13.38
CA ALA B 374 7.31 12.04 -14.52
C ALA B 374 5.86 12.25 -14.04
N VAL B 375 5.49 11.47 -13.02
CA VAL B 375 4.15 11.55 -12.50
C VAL B 375 3.74 12.95 -12.16
N GLN B 376 4.62 13.69 -11.51
CA GLN B 376 4.32 15.08 -11.18
C GLN B 376 4.27 15.98 -12.44
N LYS B 377 5.21 15.75 -13.36
CA LYS B 377 5.24 16.50 -14.59
C LYS B 377 3.91 16.38 -15.34
N ILE B 378 3.45 15.13 -15.55
CA ILE B 378 2.20 14.87 -16.27
C ILE B 378 1.06 15.53 -15.53
N THR B 379 1.05 15.40 -14.21
CA THR B 379 -0.02 16.03 -13.46
C THR B 379 -0.01 17.54 -13.71
N THR B 380 1.12 18.20 -13.49
CA THR B 380 1.14 19.66 -13.68
C THR B 380 0.56 20.09 -15.03
N GLU B 381 0.98 19.42 -16.12
CA GLU B 381 0.45 19.77 -17.42
C GLU B 381 -1.04 19.58 -17.36
N SER B 382 -1.41 18.45 -16.80
CA SER B 382 -2.80 18.06 -16.72
C SER B 382 -3.70 19.14 -16.05
N ILE B 383 -3.25 19.66 -14.89
CA ILE B 383 -3.96 20.73 -14.16
C ILE B 383 -4.07 21.98 -15.03
N VAL B 384 -2.94 22.30 -15.67
CA VAL B 384 -2.84 23.45 -16.49
C VAL B 384 -3.75 23.39 -17.69
N ILE B 385 -3.81 22.22 -18.33
CA ILE B 385 -4.61 22.05 -19.54
C ILE B 385 -6.10 21.85 -19.22
N TRP B 386 -6.39 20.90 -18.33
CA TRP B 386 -7.77 20.49 -18.09
C TRP B 386 -8.33 20.86 -16.76
N GLY B 387 -7.47 21.32 -15.87
CA GLY B 387 -7.89 21.68 -14.53
C GLY B 387 -8.12 20.46 -13.64
N LYS B 388 -7.75 19.27 -14.10
CA LYS B 388 -7.97 18.11 -13.28
C LYS B 388 -6.81 17.17 -13.42
N THR B 389 -6.62 16.29 -12.44
CA THR B 389 -5.46 15.40 -12.45
C THR B 389 -5.80 14.01 -13.00
N PRO B 390 -4.93 13.44 -13.86
CA PRO B 390 -5.27 12.13 -14.43
C PRO B 390 -5.14 10.97 -13.43
N LYS B 391 -5.72 9.81 -13.75
CA LYS B 391 -5.59 8.65 -12.91
C LYS B 391 -4.42 7.91 -13.48
N PHE B 392 -3.35 7.85 -12.70
CA PHE B 392 -2.14 7.23 -13.22
C PHE B 392 -2.15 5.72 -13.21
N LYS B 393 -1.62 5.15 -14.29
CA LYS B 393 -1.50 3.71 -14.43
C LYS B 393 -0.01 3.37 -14.37
N LEU B 394 0.48 2.97 -13.21
CA LEU B 394 1.91 2.77 -13.02
C LEU B 394 2.58 1.40 -13.20
N PRO B 395 3.61 1.35 -14.05
CA PRO B 395 4.46 0.21 -14.43
C PRO B 395 5.46 -0.12 -13.34
N ILE B 396 4.91 -0.34 -12.14
CA ILE B 396 5.69 -0.60 -10.94
C ILE B 396 4.84 -1.53 -10.04
N GLN B 397 5.42 -1.98 -8.92
CA GLN B 397 4.78 -2.90 -7.93
C GLN B 397 4.19 -2.00 -6.88
N LYS B 398 2.90 -2.14 -6.56
CA LYS B 398 2.28 -1.25 -5.55
C LYS B 398 3.16 -1.01 -4.29
N GLU B 399 3.61 -2.13 -3.75
CA GLU B 399 4.42 -2.18 -2.55
C GLU B 399 5.70 -1.36 -2.66
N THR B 400 6.39 -1.49 -3.80
CA THR B 400 7.61 -0.72 -4.12
C THR B 400 7.20 0.74 -4.26
N TRP B 401 6.16 0.94 -5.05
CA TRP B 401 5.73 2.29 -5.28
C TRP B 401 5.38 2.89 -3.97
N GLU B 402 4.78 2.07 -3.09
CA GLU B 402 4.39 2.60 -1.80
C GLU B 402 5.49 2.89 -0.83
N THR B 403 6.49 2.02 -0.76
CA THR B 403 7.57 2.35 0.15
C THR B 403 8.36 3.59 -0.28
N TRP B 404 8.71 3.66 -1.56
CA TRP B 404 9.58 4.73 -2.01
C TRP B 404 9.06 6.12 -2.39
N TRP B 405 7.96 6.18 -3.13
CA TRP B 405 7.40 7.43 -3.68
C TRP B 405 7.55 8.70 -2.89
N THR B 406 7.50 8.57 -1.58
CA THR B 406 7.62 9.72 -0.67
C THR B 406 9.04 10.24 -0.55
N GLU B 407 10.00 9.54 -1.14
CA GLU B 407 11.37 9.97 -0.99
C GLU B 407 11.72 10.97 -2.02
N TYR B 408 10.89 11.04 -3.06
CA TYR B 408 11.12 11.94 -4.20
C TYR B 408 9.92 12.86 -4.46
N TRP B 409 8.76 12.56 -3.84
CA TRP B 409 7.57 13.42 -4.00
C TRP B 409 7.75 14.89 -3.54
N GLN B 410 7.29 15.81 -4.36
CA GLN B 410 7.45 17.23 -4.06
C GLN B 410 6.22 18.09 -4.21
N ALA B 411 5.26 17.63 -4.99
CA ALA B 411 4.03 18.40 -5.17
C ALA B 411 3.19 18.30 -3.92
N THR B 412 2.40 19.34 -3.65
CA THR B 412 1.51 19.35 -2.50
C THR B 412 0.21 18.58 -2.73
N TRP B 413 0.04 18.13 -3.98
CA TRP B 413 -1.06 17.26 -4.35
C TRP B 413 -0.54 15.87 -4.61
N ILE B 414 -1.48 14.92 -4.63
CA ILE B 414 -1.23 13.49 -4.84
C ILE B 414 -2.35 12.96 -5.72
N PRO B 415 -2.06 12.63 -6.98
CA PRO B 415 -3.03 12.11 -7.94
C PRO B 415 -3.33 10.68 -7.56
N GLU B 416 -4.25 10.05 -8.28
CA GLU B 416 -4.56 8.67 -7.98
C GLU B 416 -3.81 7.73 -8.91
N TRP B 417 -3.52 6.54 -8.40
CA TRP B 417 -2.77 5.59 -9.22
C TRP B 417 -3.22 4.18 -9.01
N GLU B 418 -2.91 3.37 -10.01
CA GLU B 418 -3.16 1.94 -10.04
C GLU B 418 -1.83 1.47 -10.59
N PHE B 419 -1.44 0.25 -10.21
CA PHE B 419 -0.21 -0.36 -10.67
C PHE B 419 -0.53 -1.31 -11.83
N VAL B 420 0.34 -1.36 -12.84
CA VAL B 420 0.04 -2.16 -14.04
C VAL B 420 1.25 -2.82 -14.68
N ASN B 421 0.95 -3.76 -15.58
CA ASN B 421 1.98 -4.52 -16.28
C ASN B 421 1.93 -4.19 -17.78
N THR B 422 2.82 -3.29 -18.21
CA THR B 422 2.89 -2.89 -19.61
C THR B 422 2.93 -4.06 -20.63
N PRO B 423 2.01 -4.04 -21.62
CA PRO B 423 1.92 -4.98 -22.72
C PRO B 423 3.07 -4.70 -23.68
N PRO B 424 3.93 -5.71 -23.91
CA PRO B 424 5.14 -5.71 -24.76
C PRO B 424 5.03 -4.75 -25.95
N LEU B 425 3.87 -4.82 -26.60
CA LEU B 425 3.60 -4.04 -27.79
C LEU B 425 3.49 -2.55 -27.50
N VAL B 426 2.56 -2.20 -26.61
CA VAL B 426 2.38 -0.83 -26.16
C VAL B 426 3.70 -0.05 -26.00
N LYS B 427 4.75 -0.73 -25.55
CA LYS B 427 6.06 -0.11 -25.29
C LYS B 427 6.79 0.45 -26.52
N LEU B 428 6.83 -0.34 -27.59
CA LEU B 428 7.55 0.06 -28.80
C LEU B 428 6.60 0.84 -29.67
N TRP B 429 5.33 0.40 -29.70
CA TRP B 429 4.30 1.09 -30.47
C TRP B 429 4.37 2.57 -30.15
N TYR B 430 4.95 2.87 -28.98
CA TYR B 430 5.13 4.23 -28.50
C TYR B 430 6.58 4.68 -28.33
N GLN B 431 7.55 3.82 -28.65
CA GLN B 431 8.99 4.10 -28.46
C GLN B 431 9.64 5.13 -29.40
CL28 R8D C . 10.01 -1.77 28.38
C13 R8D C . 11.27 -2.75 27.55
C8 R8D C . 11.02 -4.08 27.54
O7 R8D C . 9.85 -4.23 28.14
C4 R8D C . 8.81 -4.91 27.72
C3 R8D C . 8.31 -5.87 28.57
C2 R8D C . 7.24 -6.69 28.26
C25 R8D C . 6.77 -7.56 29.12
N26 R8D C . 6.31 -8.37 29.92
C5 R8D C . 8.28 -4.68 26.54
C6 R8D C . 7.26 -5.49 26.29
CL27 R8D C . 6.64 -5.20 24.78
C1 R8D C . 6.67 -6.49 27.03
C12 R8D C . 12.43 -2.26 26.97
C11 R8D C . 13.31 -3.16 26.40
C10 R8D C . 13.06 -4.52 26.45
C9 R8D C . 11.86 -5.06 27.02
O14 R8D C . 14.08 -5.28 25.93
C15 R8D C . 14.57 -6.38 26.70
C16 R8D C . 15.07 -6.09 28.08
N20 R8D C . 15.77 -4.99 28.44
N19 R8D C . 16.05 -5.04 29.84
C18 R8D C . 15.51 -6.18 30.41
N24 R8D C . 15.47 -6.74 31.72
C23 R8D C . 14.87 -7.94 32.04
C22 R8D C . 14.26 -8.66 31.01
C21 R8D C . 14.26 -8.12 29.69
C17 R8D C . 14.89 -6.90 29.36
#